data_9N1Y
#
_entry.id   9N1Y
#
_cell.length_a   1.00
_cell.length_b   1.00
_cell.length_c   1.00
_cell.angle_alpha   90.00
_cell.angle_beta   90.00
_cell.angle_gamma   90.00
#
_symmetry.space_group_name_H-M   'P 1'
#
_entity_poly.entity_id   1
_entity_poly.type   'polypeptide(L)'
_entity_poly.pdbx_seq_one_letter_code
;MSDSVILRSIKKFGEENDGFESDKSYNNDKKSRLQDEKKGDGVRVGFFQLFRFSSSTDIWLMFVGSLCAFLHGIAQPGVL
LIFGTMTDVFIDYDVELQELQIPGKACVNNTIVWTNSSLNQNMTNGTRCGLLNIESEMIKFASYYAGIAVAVLITGYIQI
CFWVIAAARQIQKMRKFYFRRIMRMEIGWFDCNSVGELNTRFSDDINKINDAIADQMALFIQRMTSTICGFLLGFFRGWK
LTLVIISVSPLIGIGAATIGLSVSKFTDYELKAYAKAGVVADEVISSMRTVAAFGGGKREVERYEKNLVFAQRWGIRKGI
VMGFFTGFVWCLIFLCYALAFWYGSTLVLDEGEYTPGTLVQIFLSVIVGALNLGNASPCLEAFATGRAAATSIFETIDRK
PIIDCMSEDGYKLDRIKGEIEFHNVTFHYPSRPEVKILNDLNMVIKPGEMTALVGPSGAGKSTALQLIQRFYDPCEGMVT
VDGHDIRSLNIQWLRDQIGIVEQEPVLFSTTIAENIRYGREDATMEDIVQAAKEANAYNFIMDLPQQFDTLVGEGGGQMS
GGQKQRVAIARALIRNPKILLLDMATSALDNESEAMVQEVLSKIQHGHTIISVAHRLSTVRAADTIIGFEHGTAVERGTH
EELLERKGVYFTLVTLQSQGNQALNEEDIKDATEDDMLARTFSRGSYQDSLRASIRQRSKSQLSYLVHEPPLAVVDHKST
YEEDRKDKDIPVQEEVEPAPVRRILKFSAPEWPYMLVGSVGAAVNGTVTPLYAFLFSQILGTFSIPDKEEQRSQINGVCL
LFVAMGCVSLFTQFLQGYAFAKSGELLTKRLRKFGFRAMLGQDIAWFDDLRNSPGALTTRLATDASQVQGAAGSQIGMIV
NSFTNVTVAMIIAFSFSWKLSLVILCFFPFLALSGATQTRMLTGFASRDKQALEMVGQITNEALSNIRTVAGIGKERRFI
EALETELEKPFKTAIQKANIYGFCFAFAQCIMFIANSASYRYGGYLISNEGLHFSYVFRVISAVVLSATALGRAFSYTPS
YAKAKISAARFFQLLDRQPPISVYNTAGEKWDNFQGKIDFVDCKFTYPSRPDSQVLNGLSVSISPGQTLAFVGSSGCGKS
TSIQLLERFYDPDQGKVMIDGHDSKKVNVQFLRSNIGIVSQEPVLFACSIMDNIKYGDNTKEIPMERVIAAAKQAQLHDF
VMSLPEKYETNVGSQGSQLSRGEKQRIAIARAIVRDPKILLLDEATSALDTESEKTVQVALDKAREGRTCIVIAHRLSTI
QNADIIAVMAQGVVIEKGTHEELMAQKGAYYKLVTTGSPIS
;
_entity_poly.pdbx_strand_id   A
#
# COMPACT_ATOMS: atom_id res chain seq x y z
N ARG A 44 -12.04 17.84 -12.16
CA ARG A 44 -11.38 19.16 -12.35
C ARG A 44 -10.83 19.29 -13.77
N VAL A 45 -10.06 18.29 -14.20
CA VAL A 45 -9.45 18.33 -15.52
C VAL A 45 -10.42 17.70 -16.52
N GLY A 46 -10.66 18.40 -17.63
CA GLY A 46 -11.47 17.84 -18.70
C GLY A 46 -10.86 16.55 -19.18
N PHE A 47 -11.71 15.54 -19.40
CA PHE A 47 -11.20 14.21 -19.75
C PHE A 47 -10.36 14.26 -21.02
N PHE A 48 -10.85 14.97 -22.04
CA PHE A 48 -10.13 15.00 -23.30
C PHE A 48 -8.83 15.77 -23.23
N GLN A 49 -8.57 16.49 -22.13
CA GLN A 49 -7.28 17.12 -21.94
C GLN A 49 -6.17 16.11 -21.77
N LEU A 50 -6.49 14.87 -21.39
CA LEU A 50 -5.46 13.86 -21.19
C LEU A 50 -4.67 13.60 -22.47
N PHE A 51 -5.30 13.78 -23.62
CA PHE A 51 -4.66 13.55 -24.91
C PHE A 51 -3.93 14.76 -25.44
N ARG A 52 -3.65 15.76 -24.59
CA ARG A 52 -3.04 17.00 -25.08
C ARG A 52 -1.67 16.76 -25.69
N PHE A 53 -1.03 15.65 -25.37
CA PHE A 53 0.28 15.32 -25.93
C PHE A 53 0.22 14.44 -27.16
N SER A 54 -0.97 14.17 -27.68
CA SER A 54 -1.11 13.29 -28.83
C SER A 54 -0.55 13.94 -30.08
N SER A 55 0.28 13.19 -30.81
CA SER A 55 0.79 13.64 -32.09
C SER A 55 -0.05 13.09 -33.24
N SER A 56 0.29 13.49 -34.46
CA SER A 56 -0.47 13.03 -35.62
C SER A 56 -0.42 11.51 -35.75
N THR A 57 0.76 10.92 -35.57
CA THR A 57 0.86 9.47 -35.58
C THR A 57 -0.03 8.86 -34.51
N ASP A 58 -0.04 9.46 -33.32
CA ASP A 58 -0.92 8.98 -32.27
C ASP A 58 -2.38 9.13 -32.66
N ILE A 59 -2.76 10.23 -33.31
CA ILE A 59 -4.14 10.39 -33.73
C ILE A 59 -4.53 9.28 -34.70
N TRP A 60 -3.68 8.99 -35.68
CA TRP A 60 -4.01 7.92 -36.63
C TRP A 60 -4.10 6.58 -35.92
N LEU A 61 -3.16 6.30 -35.01
CA LEU A 61 -3.20 5.03 -34.29
C LEU A 61 -4.49 4.88 -33.50
N MET A 62 -4.87 5.93 -32.76
CA MET A 62 -6.09 5.88 -31.98
C MET A 62 -7.32 5.73 -32.87
N PHE A 63 -7.35 6.43 -34.00
CA PHE A 63 -8.50 6.33 -34.88
C PHE A 63 -8.65 4.93 -35.45
N VAL A 64 -7.56 4.34 -35.93
CA VAL A 64 -7.63 2.99 -36.49
C VAL A 64 -8.00 1.99 -35.39
N GLY A 65 -7.43 2.15 -34.20
CA GLY A 65 -7.78 1.28 -33.10
C GLY A 65 -9.25 1.37 -32.74
N SER A 66 -9.80 2.58 -32.72
CA SER A 66 -11.21 2.75 -32.43
C SER A 66 -12.08 2.11 -33.50
N LEU A 67 -11.71 2.27 -34.77
CA LEU A 67 -12.49 1.65 -35.84
C LEU A 67 -12.49 0.14 -35.70
N CYS A 68 -11.32 -0.45 -35.46
CA CYS A 68 -11.24 -1.90 -35.31
C CYS A 68 -12.00 -2.36 -34.08
N ALA A 69 -11.94 -1.61 -32.99
CA ALA A 69 -12.70 -1.96 -31.80
C ALA A 69 -14.19 -1.93 -32.07
N PHE A 70 -14.65 -0.92 -32.81
CA PHE A 70 -16.05 -0.83 -33.18
C PHE A 70 -16.48 -2.05 -33.98
N LEU A 71 -15.70 -2.41 -35.00
CA LEU A 71 -16.06 -3.56 -35.81
C LEU A 71 -16.07 -4.84 -34.98
N HIS A 72 -15.07 -5.00 -34.11
CA HIS A 72 -15.03 -6.20 -33.26
C HIS A 72 -16.22 -6.25 -32.33
N GLY A 73 -16.58 -5.11 -31.72
CA GLY A 73 -17.72 -5.10 -30.83
C GLY A 73 -19.01 -5.44 -31.53
N ILE A 74 -19.17 -5.02 -32.79
CA ILE A 74 -20.37 -5.38 -33.52
C ILE A 74 -20.48 -6.89 -33.69
N ALA A 75 -19.34 -7.60 -33.71
CA ALA A 75 -19.37 -9.01 -34.07
C ALA A 75 -20.19 -9.83 -33.08
N GLN A 76 -19.95 -9.66 -31.79
CA GLN A 76 -20.57 -10.54 -30.80
C GLN A 76 -22.09 -10.51 -30.85
N PRO A 77 -22.76 -9.34 -30.86
CA PRO A 77 -24.22 -9.36 -30.99
C PRO A 77 -24.69 -9.54 -32.43
N GLY A 78 -23.82 -9.36 -33.41
CA GLY A 78 -24.23 -9.52 -34.79
C GLY A 78 -24.33 -10.96 -35.21
N VAL A 79 -23.55 -11.84 -34.59
CA VAL A 79 -23.57 -13.24 -34.95
C VAL A 79 -24.93 -13.87 -34.68
N LEU A 80 -25.68 -13.36 -33.71
CA LEU A 80 -26.97 -13.94 -33.38
C LEU A 80 -27.92 -13.93 -34.56
N LEU A 81 -27.76 -13.00 -35.49
CA LEU A 81 -28.61 -13.00 -36.69
C LEU A 81 -28.43 -14.29 -37.48
N ILE A 82 -27.19 -14.79 -37.58
CA ILE A 82 -26.96 -16.07 -38.23
C ILE A 82 -27.53 -17.22 -37.41
N PHE A 83 -27.43 -17.11 -36.08
CA PHE A 83 -27.92 -18.16 -35.21
C PHE A 83 -29.43 -18.33 -35.34
N GLY A 84 -30.15 -17.21 -35.47
CA GLY A 84 -31.59 -17.31 -35.63
C GLY A 84 -31.99 -18.08 -36.86
N THR A 85 -31.37 -17.76 -38.00
CA THR A 85 -31.70 -18.51 -39.22
C THR A 85 -31.23 -19.95 -39.12
N MET A 86 -30.12 -20.21 -38.44
CA MET A 86 -29.68 -21.59 -38.27
C MET A 86 -30.71 -22.42 -37.51
N THR A 87 -31.21 -21.87 -36.39
CA THR A 87 -32.22 -22.59 -35.64
C THR A 87 -33.54 -22.68 -36.39
N ASP A 88 -33.88 -21.68 -37.20
CA ASP A 88 -35.06 -21.81 -38.05
C ASP A 88 -34.90 -22.97 -39.03
N VAL A 89 -33.71 -23.10 -39.63
CA VAL A 89 -33.47 -24.21 -40.55
C VAL A 89 -33.60 -25.53 -39.82
N PHE A 90 -33.00 -25.62 -38.62
CA PHE A 90 -33.10 -26.86 -37.85
C PHE A 90 -34.56 -27.21 -37.58
N ILE A 91 -35.35 -26.25 -37.13
CA ILE A 91 -36.74 -26.54 -36.79
C ILE A 91 -37.53 -26.94 -38.03
N ASP A 92 -37.32 -26.25 -39.15
CA ASP A 92 -38.02 -26.62 -40.37
C ASP A 92 -37.69 -28.04 -40.80
N TYR A 93 -36.40 -28.38 -40.78
CA TYR A 93 -36.00 -29.73 -41.15
C TYR A 93 -36.60 -30.76 -40.20
N ASP A 94 -36.64 -30.46 -38.91
CA ASP A 94 -37.22 -31.40 -37.95
C ASP A 94 -38.70 -31.59 -38.20
N VAL A 95 -39.43 -30.52 -38.52
CA VAL A 95 -40.84 -30.65 -38.83
C VAL A 95 -41.03 -31.54 -40.05
N GLU A 96 -40.23 -31.31 -41.09
CA GLU A 96 -40.34 -32.13 -42.29
C GLU A 96 -40.05 -33.60 -41.98
N LEU A 97 -38.99 -33.85 -41.20
CA LEU A 97 -38.63 -35.22 -40.86
C LEU A 97 -39.71 -35.91 -40.05
N GLN A 98 -40.30 -35.20 -39.08
CA GLN A 98 -41.38 -35.78 -38.30
C GLN A 98 -42.59 -36.08 -39.17
N GLU A 99 -42.90 -35.19 -40.12
CA GLU A 99 -44.01 -35.47 -41.03
C GLU A 99 -43.75 -36.73 -41.84
N LEU A 100 -42.52 -36.90 -42.33
CA LEU A 100 -42.24 -38.06 -43.18
C LEU A 100 -42.28 -39.39 -42.43
N GLN A 101 -42.55 -39.41 -41.13
CA GLN A 101 -42.69 -40.66 -40.41
C GLN A 101 -44.11 -41.17 -40.37
N ILE A 102 -45.08 -40.39 -40.82
CA ILE A 102 -46.48 -40.86 -40.84
C ILE A 102 -46.62 -41.98 -41.86
N PRO A 103 -47.42 -43.02 -41.59
CA PRO A 103 -47.48 -44.16 -42.52
C PRO A 103 -48.29 -43.91 -43.79
N GLY A 104 -47.66 -43.32 -44.79
CA GLY A 104 -48.25 -43.24 -46.12
C GLY A 104 -49.65 -42.65 -46.17
N LYS A 105 -49.80 -41.38 -45.80
CA LYS A 105 -51.10 -40.73 -45.91
C LYS A 105 -51.54 -40.59 -47.37
N ALA A 106 -50.62 -40.20 -48.25
CA ALA A 106 -50.95 -39.92 -49.63
C ALA A 106 -50.83 -41.13 -50.55
N CYS A 107 -50.45 -42.29 -50.02
CA CYS A 107 -50.33 -43.49 -50.84
C CYS A 107 -51.67 -44.08 -51.23
N VAL A 108 -52.78 -43.47 -50.81
CA VAL A 108 -54.12 -43.94 -51.15
C VAL A 108 -54.86 -42.84 -51.88
N ASN A 109 -54.79 -41.61 -51.35
CA ASN A 109 -55.45 -40.46 -51.93
C ASN A 109 -54.43 -39.38 -52.23
N ASN A 110 -54.83 -38.41 -53.05
CA ASN A 110 -53.91 -37.34 -53.43
C ASN A 110 -53.42 -36.57 -52.20
N THR A 111 -54.33 -36.26 -51.27
CA THR A 111 -54.02 -35.57 -50.01
C THR A 111 -53.16 -34.35 -50.33
N ILE A 112 -52.17 -34.00 -49.49
CA ILE A 112 -51.63 -32.65 -49.49
C ILE A 112 -50.11 -32.59 -49.61
N VAL A 113 -49.39 -33.24 -48.68
CA VAL A 113 -48.02 -32.82 -48.40
C VAL A 113 -47.01 -33.97 -48.41
N TRP A 114 -47.26 -35.04 -49.16
CA TRP A 114 -46.41 -36.21 -49.04
C TRP A 114 -45.09 -36.02 -49.78
N THR A 115 -44.33 -37.11 -49.87
CA THR A 115 -42.91 -37.04 -50.23
C THR A 115 -42.71 -36.46 -51.61
N ASN A 116 -43.50 -36.90 -52.58
CA ASN A 116 -43.29 -36.46 -53.97
C ASN A 116 -43.65 -35.00 -54.18
N SER A 117 -43.98 -34.25 -53.14
CA SER A 117 -44.15 -32.81 -53.29
C SER A 117 -42.90 -32.15 -53.82
N SER A 118 -41.73 -32.75 -53.59
CA SER A 118 -40.50 -32.28 -54.20
C SER A 118 -40.41 -32.63 -55.69
N LEU A 119 -41.31 -33.47 -56.19
CA LEU A 119 -41.25 -33.97 -57.55
C LEU A 119 -42.44 -33.45 -58.34
N ASN A 120 -42.48 -33.82 -59.62
CA ASN A 120 -43.54 -33.39 -60.52
C ASN A 120 -44.82 -34.19 -60.27
N GLN A 121 -45.47 -33.93 -59.14
CA GLN A 121 -46.72 -34.59 -58.79
C GLN A 121 -47.67 -33.56 -58.21
N ASN A 122 -48.96 -33.84 -58.31
CA ASN A 122 -50.00 -32.89 -57.91
C ASN A 122 -50.27 -32.89 -56.41
N MET A 123 -49.28 -32.51 -55.60
CA MET A 123 -49.50 -32.31 -54.18
C MET A 123 -50.03 -30.89 -53.96
N THR A 124 -51.26 -30.79 -53.41
CA THR A 124 -51.99 -29.53 -53.43
C THR A 124 -51.28 -28.38 -52.74
N ASN A 125 -50.49 -28.64 -51.70
CA ASN A 125 -49.84 -27.57 -50.95
C ASN A 125 -48.46 -27.23 -51.48
N GLY A 126 -47.98 -27.92 -52.51
CA GLY A 126 -46.70 -27.58 -53.10
C GLY A 126 -45.54 -28.29 -52.44
N THR A 127 -44.34 -27.77 -52.72
CA THR A 127 -43.10 -28.38 -52.24
C THR A 127 -43.05 -28.43 -50.73
N ARG A 128 -42.90 -29.62 -50.17
CA ARG A 128 -42.82 -29.82 -48.72
C ARG A 128 -41.75 -30.83 -48.34
N CYS A 129 -40.78 -31.12 -49.21
CA CYS A 129 -39.79 -32.14 -48.93
C CYS A 129 -38.59 -31.95 -49.82
N GLY A 130 -37.48 -32.57 -49.44
CA GLY A 130 -36.33 -32.72 -50.32
C GLY A 130 -35.47 -31.49 -50.49
N LEU A 131 -36.10 -30.34 -50.70
CA LEU A 131 -35.36 -29.15 -51.11
C LEU A 131 -34.36 -28.68 -50.06
N LEU A 132 -34.49 -29.13 -48.82
CA LEU A 132 -33.64 -28.66 -47.72
C LEU A 132 -32.62 -29.75 -47.40
N ASN A 133 -31.39 -29.56 -47.89
CA ASN A 133 -30.28 -30.44 -47.55
C ASN A 133 -29.59 -29.87 -46.32
N ILE A 134 -29.72 -30.56 -45.19
CA ILE A 134 -29.23 -30.00 -43.93
C ILE A 134 -27.72 -29.81 -43.96
N GLU A 135 -26.99 -30.77 -44.54
CA GLU A 135 -25.54 -30.71 -44.51
C GLU A 135 -25.01 -29.49 -45.24
N SER A 136 -25.60 -29.15 -46.40
CA SER A 136 -25.15 -27.98 -47.13
C SER A 136 -25.38 -26.71 -46.33
N GLU A 137 -26.55 -26.59 -45.69
CA GLU A 137 -26.84 -25.42 -44.89
C GLU A 137 -25.86 -25.30 -43.73
N MET A 138 -25.54 -26.42 -43.08
CA MET A 138 -24.60 -26.36 -41.97
C MET A 138 -23.20 -26.04 -42.46
N ILE A 139 -22.82 -26.50 -43.66
CA ILE A 139 -21.55 -26.07 -44.23
C ILE A 139 -21.54 -24.56 -44.40
N LYS A 140 -22.62 -24.00 -44.93
CA LYS A 140 -22.70 -22.56 -45.11
C LYS A 140 -22.54 -21.83 -43.78
N PHE A 141 -23.25 -22.29 -42.75
CA PHE A 141 -23.21 -21.59 -41.47
C PHE A 141 -21.87 -21.75 -40.77
N ALA A 142 -21.24 -22.92 -40.88
CA ALA A 142 -19.90 -23.08 -40.33
C ALA A 142 -18.90 -22.17 -41.04
N SER A 143 -19.04 -22.02 -42.36
CA SER A 143 -18.18 -21.08 -43.07
C SER A 143 -18.39 -19.65 -42.57
N TYR A 144 -19.65 -19.27 -42.36
CA TYR A 144 -19.92 -17.94 -41.82
C TYR A 144 -19.25 -17.76 -40.46
N TYR A 145 -19.36 -18.75 -39.59
CA TYR A 145 -18.74 -18.65 -38.26
C TYR A 145 -17.23 -18.55 -38.37
N ALA A 146 -16.60 -19.34 -39.26
CA ALA A 146 -15.16 -19.25 -39.41
C ALA A 146 -14.73 -17.87 -39.92
N GLY A 147 -15.47 -17.31 -40.88
CA GLY A 147 -15.14 -15.98 -41.35
C GLY A 147 -15.27 -14.93 -40.26
N ILE A 148 -16.34 -15.01 -39.47
CA ILE A 148 -16.50 -14.08 -38.35
C ILE A 148 -15.35 -14.26 -37.36
N ALA A 149 -14.91 -15.50 -37.14
CA ALA A 149 -13.81 -15.74 -36.21
C ALA A 149 -12.54 -15.07 -36.70
N VAL A 150 -12.23 -15.21 -37.99
CA VAL A 150 -11.03 -14.58 -38.54
C VAL A 150 -11.12 -13.06 -38.41
N ALA A 151 -12.27 -12.49 -38.76
CA ALA A 151 -12.43 -11.04 -38.67
C ALA A 151 -12.26 -10.56 -37.25
N VAL A 152 -12.86 -11.27 -36.29
CA VAL A 152 -12.73 -10.89 -34.89
C VAL A 152 -11.28 -10.98 -34.45
N LEU A 153 -10.58 -12.04 -34.85
CA LEU A 153 -9.17 -12.15 -34.49
C LEU A 153 -8.39 -10.92 -34.95
N ILE A 154 -8.51 -10.57 -36.24
CA ILE A 154 -7.72 -9.47 -36.78
C ILE A 154 -8.09 -8.16 -36.08
N THR A 155 -9.39 -7.87 -36.01
CA THR A 155 -9.81 -6.58 -35.45
C THR A 155 -9.44 -6.48 -33.97
N GLY A 156 -9.66 -7.54 -33.20
CA GLY A 156 -9.29 -7.50 -31.80
C GLY A 156 -7.81 -7.30 -31.58
N TYR A 157 -6.98 -7.95 -32.39
CA TYR A 157 -5.54 -7.73 -32.26
C TYR A 157 -5.19 -6.27 -32.54
N ILE A 158 -5.66 -5.75 -33.68
CA ILE A 158 -5.28 -4.40 -34.07
C ILE A 158 -5.74 -3.39 -33.03
N GLN A 159 -6.98 -3.53 -32.55
CA GLN A 159 -7.51 -2.62 -31.55
C GLN A 159 -6.54 -2.45 -30.38
N ILE A 160 -6.26 -3.55 -29.68
CA ILE A 160 -5.42 -3.47 -28.49
C ILE A 160 -4.02 -2.99 -28.85
N CYS A 161 -3.44 -3.54 -29.91
CA CYS A 161 -2.07 -3.16 -30.24
C CYS A 161 -1.96 -1.65 -30.44
N PHE A 162 -2.82 -1.10 -31.31
CA PHE A 162 -2.74 0.33 -31.61
C PHE A 162 -3.02 1.19 -30.40
N TRP A 163 -4.06 0.86 -29.61
CA TRP A 163 -4.37 1.72 -28.48
C TRP A 163 -3.25 1.70 -27.45
N VAL A 164 -2.69 0.52 -27.15
CA VAL A 164 -1.61 0.45 -26.18
C VAL A 164 -0.39 1.21 -26.67
N ILE A 165 -0.05 1.06 -27.96
CA ILE A 165 1.12 1.75 -28.48
C ILE A 165 0.93 3.26 -28.40
N ALA A 166 -0.26 3.75 -28.78
CA ALA A 166 -0.50 5.19 -28.71
C ALA A 166 -0.39 5.70 -27.28
N ALA A 167 -0.99 4.97 -26.33
CA ALA A 167 -0.91 5.39 -24.94
C ALA A 167 0.54 5.42 -24.45
N ALA A 168 1.32 4.40 -24.81
CA ALA A 168 2.70 4.36 -24.36
C ALA A 168 3.50 5.53 -24.92
N ARG A 169 3.32 5.84 -26.20
CA ARG A 169 4.02 6.98 -26.79
C ARG A 169 3.64 8.27 -26.08
N GLN A 170 2.34 8.49 -25.90
CA GLN A 170 1.88 9.73 -25.27
C GLN A 170 2.45 9.87 -23.87
N ILE A 171 2.47 8.78 -23.11
CA ILE A 171 2.91 8.91 -21.72
C ILE A 171 4.43 9.00 -21.63
N GLN A 172 5.18 8.40 -22.56
CA GLN A 172 6.62 8.66 -22.60
C GLN A 172 6.86 10.15 -22.81
N LYS A 173 6.18 10.73 -23.79
CA LYS A 173 6.35 12.17 -24.03
C LYS A 173 5.93 12.98 -22.81
N MET A 174 4.82 12.60 -22.18
CA MET A 174 4.34 13.30 -21.00
C MET A 174 5.35 13.25 -19.87
N ARG A 175 5.93 12.08 -19.61
CA ARG A 175 6.87 11.95 -18.51
C ARG A 175 8.11 12.80 -18.76
N LYS A 176 8.66 12.74 -19.98
CA LYS A 176 9.86 13.53 -20.24
C LYS A 176 9.56 15.02 -20.13
N PHE A 177 8.41 15.46 -20.66
CA PHE A 177 8.05 16.87 -20.54
C PHE A 177 7.86 17.28 -19.09
N TYR A 178 7.18 16.44 -18.30
CA TYR A 178 6.94 16.75 -16.91
C TYR A 178 8.24 16.89 -16.14
N PHE A 179 9.18 15.97 -16.35
CA PHE A 179 10.48 16.11 -15.70
C PHE A 179 11.18 17.37 -16.16
N ARG A 180 11.13 17.67 -17.45
CA ARG A 180 11.75 18.91 -17.93
C ARG A 180 11.18 20.13 -17.24
N ARG A 181 9.89 20.10 -16.90
CA ARG A 181 9.28 21.26 -16.26
C ARG A 181 9.69 21.37 -14.78
N ILE A 182 9.85 20.23 -14.09
CA ILE A 182 10.20 20.29 -12.67
C ILE A 182 11.56 20.93 -12.48
N MET A 183 12.54 20.53 -13.30
CA MET A 183 13.91 20.96 -13.09
C MET A 183 14.07 22.46 -13.27
N ARG A 184 13.07 23.11 -13.87
CA ARG A 184 13.11 24.55 -14.10
C ARG A 184 12.35 25.35 -13.06
N MET A 185 11.80 24.70 -12.04
CA MET A 185 11.10 25.41 -10.98
C MET A 185 12.09 26.11 -10.06
N GLU A 186 11.72 27.30 -9.59
CA GLU A 186 12.51 27.98 -8.60
C GLU A 186 12.53 27.17 -7.31
N ILE A 187 13.67 27.21 -6.61
CA ILE A 187 13.90 26.29 -5.49
C ILE A 187 12.86 26.44 -4.39
N GLY A 188 12.22 27.61 -4.30
CA GLY A 188 11.12 27.73 -3.35
C GLY A 188 10.01 26.75 -3.63
N TRP A 189 9.73 26.49 -4.91
CA TRP A 189 8.75 25.47 -5.28
C TRP A 189 9.14 24.11 -4.73
N PHE A 190 10.43 23.79 -4.73
CA PHE A 190 10.90 22.55 -4.13
C PHE A 190 10.82 22.58 -2.61
N ASP A 191 10.99 23.76 -2.01
CA ASP A 191 10.78 23.88 -0.57
C ASP A 191 9.34 23.53 -0.21
N CYS A 192 8.38 24.05 -0.99
CA CYS A 192 6.98 23.80 -0.69
C CYS A 192 6.58 22.34 -0.96
N ASN A 193 7.04 21.77 -2.07
CA ASN A 193 6.66 20.43 -2.49
C ASN A 193 7.70 19.43 -2.04
N SER A 194 7.25 18.32 -1.46
CA SER A 194 8.17 17.31 -0.95
C SER A 194 8.55 16.32 -2.04
N VAL A 195 9.82 15.91 -2.03
CA VAL A 195 10.28 14.92 -3.01
C VAL A 195 9.56 13.60 -2.82
N GLY A 196 9.24 13.24 -1.58
CA GLY A 196 8.57 11.99 -1.32
C GLY A 196 7.25 11.85 -2.05
N GLU A 197 6.57 12.96 -2.32
CA GLU A 197 5.34 12.94 -3.09
C GLU A 197 5.54 13.23 -4.57
N LEU A 198 6.59 13.98 -4.92
CA LEU A 198 6.90 14.15 -6.34
C LEU A 198 7.25 12.82 -6.99
N ASN A 199 7.98 11.97 -6.26
CA ASN A 199 8.28 10.63 -6.79
C ASN A 199 7.00 9.84 -7.02
N THR A 200 6.06 9.91 -6.08
CA THR A 200 4.79 9.21 -6.27
C THR A 200 4.01 9.77 -7.45
N ARG A 201 4.00 11.10 -7.62
CA ARG A 201 3.34 11.67 -8.79
C ARG A 201 3.98 11.17 -10.07
N PHE A 202 5.31 11.12 -10.11
CA PHE A 202 6.01 10.69 -11.32
C PHE A 202 5.74 9.23 -11.62
N SER A 203 5.64 8.39 -10.58
CA SER A 203 5.55 6.95 -10.80
C SER A 203 4.11 6.48 -10.96
N ASP A 204 3.27 6.73 -9.95
CA ASP A 204 1.94 6.15 -9.89
C ASP A 204 0.90 6.96 -10.66
N ASP A 205 0.80 8.26 -10.39
CA ASP A 205 -0.25 9.06 -11.01
C ASP A 205 -0.21 8.92 -12.52
N ILE A 206 0.97 9.01 -13.12
CA ILE A 206 1.09 8.83 -14.56
C ILE A 206 0.71 7.41 -14.94
N ASN A 207 0.98 6.43 -14.08
CA ASN A 207 0.50 5.08 -14.35
C ASN A 207 -1.02 5.02 -14.33
N LYS A 208 -1.66 5.78 -13.44
CA LYS A 208 -3.12 5.84 -13.45
C LYS A 208 -3.62 6.45 -14.75
N ILE A 209 -2.97 7.52 -15.23
CA ILE A 209 -3.37 8.08 -16.51
C ILE A 209 -3.18 7.05 -17.62
N ASN A 210 -2.09 6.29 -17.56
CA ASN A 210 -1.89 5.22 -18.53
C ASN A 210 -3.06 4.26 -18.54
N ASP A 211 -3.43 3.76 -17.36
CA ASP A 211 -4.59 2.88 -17.26
C ASP A 211 -5.84 3.55 -17.83
N ALA A 212 -5.94 4.87 -17.68
CA ALA A 212 -7.10 5.59 -18.15
C ALA A 212 -7.18 5.74 -19.67
N ILE A 213 -6.05 5.88 -20.35
CA ILE A 213 -6.06 6.09 -21.80
C ILE A 213 -5.48 4.89 -22.52
N ALA A 214 -5.17 3.83 -21.77
CA ALA A 214 -4.66 2.60 -22.34
C ALA A 214 -5.80 1.76 -22.90
N ASP A 215 -5.54 0.47 -23.13
CA ASP A 215 -6.55 -0.43 -23.71
C ASP A 215 -7.93 -0.22 -23.11
N GLN A 216 -8.01 0.27 -21.86
CA GLN A 216 -9.32 0.47 -21.24
C GLN A 216 -10.25 1.26 -22.14
N MET A 217 -9.75 2.30 -22.81
CA MET A 217 -10.59 3.08 -23.71
C MET A 217 -11.10 2.22 -24.86
N ALA A 218 -10.24 1.39 -25.43
CA ALA A 218 -10.66 0.52 -26.53
C ALA A 218 -11.73 -0.46 -26.07
N LEU A 219 -11.54 -1.06 -24.89
CA LEU A 219 -12.53 -1.98 -24.36
C LEU A 219 -13.85 -1.27 -24.11
N PHE A 220 -13.80 -0.04 -23.60
CA PHE A 220 -15.02 0.71 -23.39
C PHE A 220 -15.75 0.94 -24.72
N ILE A 221 -15.01 1.34 -25.75
CA ILE A 221 -15.64 1.56 -27.05
C ILE A 221 -16.29 0.28 -27.55
N GLN A 222 -15.55 -0.83 -27.48
CA GLN A 222 -16.08 -2.10 -27.97
C GLN A 222 -17.35 -2.48 -27.22
N ARG A 223 -17.33 -2.38 -25.89
CA ARG A 223 -18.48 -2.83 -25.11
C ARG A 223 -19.68 -1.92 -25.31
N MET A 224 -19.44 -0.61 -25.42
CA MET A 224 -20.56 0.31 -25.63
C MET A 224 -21.21 0.07 -26.98
N THR A 225 -20.41 -0.06 -28.05
CA THR A 225 -21.01 -0.37 -29.34
C THR A 225 -21.68 -1.73 -29.33
N SER A 226 -21.11 -2.71 -28.63
CA SER A 226 -21.72 -4.02 -28.55
C SER A 226 -23.10 -3.96 -27.91
N THR A 227 -23.22 -3.24 -26.80
CA THR A 227 -24.51 -3.16 -26.12
C THR A 227 -25.53 -2.37 -26.94
N ILE A 228 -25.08 -1.28 -27.57
CA ILE A 228 -26.00 -0.51 -28.41
C ILE A 228 -26.54 -1.40 -29.53
N CYS A 229 -25.66 -2.13 -30.20
CA CYS A 229 -26.11 -3.02 -31.27
C CYS A 229 -26.99 -4.13 -30.73
N GLY A 230 -26.66 -4.66 -29.55
CA GLY A 230 -27.48 -5.71 -28.97
C GLY A 230 -28.91 -5.28 -28.74
N PHE A 231 -29.09 -4.07 -28.22
CA PHE A 231 -30.46 -3.59 -28.01
C PHE A 231 -31.13 -3.21 -29.33
N LEU A 232 -30.38 -2.63 -30.27
CA LEU A 232 -30.97 -2.21 -31.54
C LEU A 232 -31.44 -3.41 -32.35
N LEU A 233 -30.65 -4.49 -32.40
CA LEU A 233 -31.03 -5.66 -33.16
C LEU A 233 -32.20 -6.40 -32.55
N GLY A 234 -32.48 -6.19 -31.26
CA GLY A 234 -33.72 -6.66 -30.69
C GLY A 234 -34.85 -5.78 -31.17
N PHE A 235 -34.76 -4.48 -30.86
CA PHE A 235 -35.86 -3.58 -31.19
C PHE A 235 -36.29 -3.70 -32.64
N PHE A 236 -35.33 -3.80 -33.57
CA PHE A 236 -35.65 -3.77 -34.99
C PHE A 236 -35.90 -5.17 -35.56
N ARG A 237 -35.94 -6.19 -34.71
CA ARG A 237 -36.38 -7.52 -35.13
C ARG A 237 -37.72 -7.89 -34.51
N GLY A 238 -37.87 -7.70 -33.21
CA GLY A 238 -39.17 -7.76 -32.56
C GLY A 238 -39.23 -6.81 -31.40
N TRP A 239 -40.21 -5.90 -31.39
CA TRP A 239 -40.20 -4.84 -30.39
C TRP A 239 -41.11 -5.17 -29.22
N LYS A 240 -42.15 -5.98 -29.44
CA LYS A 240 -43.02 -6.36 -28.34
C LYS A 240 -42.26 -7.16 -27.29
N LEU A 241 -41.57 -8.22 -27.72
CA LEU A 241 -40.82 -9.04 -26.77
C LEU A 241 -39.65 -8.27 -26.17
N THR A 242 -38.92 -7.53 -27.00
CA THR A 242 -37.80 -6.76 -26.48
C THR A 242 -38.27 -5.75 -25.45
N LEU A 243 -39.38 -5.07 -25.74
CA LEU A 243 -39.93 -4.12 -24.78
C LEU A 243 -40.36 -4.83 -23.50
N VAL A 244 -40.98 -6.00 -23.64
CA VAL A 244 -41.48 -6.71 -22.46
C VAL A 244 -40.34 -7.10 -21.54
N ILE A 245 -39.30 -7.74 -22.09
CA ILE A 245 -38.22 -8.20 -21.24
C ILE A 245 -37.36 -7.06 -20.73
N ILE A 246 -37.36 -5.92 -21.41
CA ILE A 246 -36.68 -4.74 -20.87
C ILE A 246 -37.45 -4.20 -19.67
N SER A 247 -38.78 -4.23 -19.73
CA SER A 247 -39.60 -3.64 -18.68
C SER A 247 -39.34 -4.24 -17.32
N VAL A 248 -38.80 -5.45 -17.25
CA VAL A 248 -38.45 -6.05 -15.96
C VAL A 248 -37.06 -5.64 -15.49
N SER A 249 -36.26 -5.03 -16.36
CA SER A 249 -34.91 -4.65 -15.96
C SER A 249 -34.86 -3.77 -14.71
N PRO A 250 -35.77 -2.81 -14.49
CA PRO A 250 -35.62 -1.92 -13.33
C PRO A 250 -35.43 -2.64 -12.01
N LEU A 251 -36.14 -3.76 -11.79
CA LEU A 251 -35.99 -4.48 -10.53
C LEU A 251 -34.57 -5.03 -10.37
N ILE A 252 -34.02 -5.61 -11.45
CA ILE A 252 -32.64 -6.10 -11.39
C ILE A 252 -31.68 -4.94 -11.14
N GLY A 253 -31.95 -3.79 -11.76
CA GLY A 253 -31.12 -2.63 -11.50
C GLY A 253 -31.16 -2.20 -10.05
N ILE A 254 -32.36 -2.23 -9.45
CA ILE A 254 -32.48 -1.88 -8.04
C ILE A 254 -31.70 -2.85 -7.18
N GLY A 255 -31.79 -4.15 -7.48
CA GLY A 255 -31.04 -5.13 -6.72
C GLY A 255 -29.54 -4.91 -6.81
N ALA A 256 -29.04 -4.70 -8.02
CA ALA A 256 -27.61 -4.48 -8.20
C ALA A 256 -27.15 -3.21 -7.50
N ALA A 257 -27.94 -2.13 -7.61
CA ALA A 257 -27.58 -0.89 -6.92
C ALA A 257 -27.60 -1.08 -5.41
N THR A 258 -28.55 -1.87 -4.91
CA THR A 258 -28.58 -2.15 -3.49
C THR A 258 -27.33 -2.88 -3.04
N ILE A 259 -26.89 -3.86 -3.82
CA ILE A 259 -25.66 -4.57 -3.48
C ILE A 259 -24.47 -3.61 -3.48
N GLY A 260 -24.39 -2.76 -4.51
CA GLY A 260 -23.30 -1.80 -4.58
C GLY A 260 -23.27 -0.85 -3.40
N LEU A 261 -24.43 -0.31 -3.02
CA LEU A 261 -24.50 0.56 -1.85
C LEU A 261 -24.14 -0.21 -0.58
N SER A 262 -24.59 -1.45 -0.49
CA SER A 262 -24.30 -2.27 0.68
C SER A 262 -22.80 -2.45 0.87
N VAL A 263 -22.07 -2.69 -0.21
CA VAL A 263 -20.62 -2.84 -0.09
C VAL A 263 -20.03 -1.69 0.73
N SER A 264 -20.23 -0.46 0.24
CA SER A 264 -19.62 0.70 0.89
C SER A 264 -20.18 0.91 2.29
N LYS A 265 -21.52 0.79 2.44
CA LYS A 265 -22.12 1.07 3.74
C LYS A 265 -21.57 0.13 4.81
N PHE A 266 -21.56 -1.18 4.52
CA PHE A 266 -21.07 -2.12 5.51
C PHE A 266 -19.57 -2.08 5.67
N THR A 267 -18.81 -1.61 4.69
CA THR A 267 -17.39 -1.37 4.96
C THR A 267 -17.21 -0.41 6.13
N ASP A 268 -17.87 0.74 6.05
CA ASP A 268 -17.78 1.72 7.12
C ASP A 268 -18.34 1.18 8.42
N TYR A 269 -19.46 0.45 8.34
CA TYR A 269 -20.05 -0.09 9.56
C TYR A 269 -19.11 -1.09 10.24
N GLU A 270 -18.47 -1.96 9.46
CA GLU A 270 -17.48 -2.87 10.01
C GLU A 270 -16.34 -2.10 10.67
N LEU A 271 -15.80 -1.10 9.97
CA LEU A 271 -14.69 -0.35 10.55
C LEU A 271 -15.09 0.30 11.86
N LYS A 272 -16.30 0.86 11.92
CA LYS A 272 -16.77 1.45 13.16
C LYS A 272 -16.97 0.39 14.24
N ALA A 273 -17.28 -0.85 13.84
CA ALA A 273 -17.59 -1.89 14.81
C ALA A 273 -16.32 -2.42 15.49
N TYR A 274 -15.29 -2.70 14.71
CA TYR A 274 -14.09 -3.34 15.28
C TYR A 274 -13.30 -2.38 16.15
N ALA A 275 -13.38 -1.07 15.87
CA ALA A 275 -12.57 -0.11 16.63
C ALA A 275 -12.84 -0.20 18.12
N LYS A 276 -14.03 -0.67 18.51
CA LYS A 276 -14.33 -0.80 19.93
C LYS A 276 -13.37 -1.75 20.64
N ALA A 277 -12.74 -2.65 19.88
CA ALA A 277 -11.68 -3.50 20.42
C ALA A 277 -10.31 -3.05 19.95
N GLY A 278 -10.26 -2.39 18.80
CA GLY A 278 -8.99 -1.88 18.30
C GLY A 278 -8.36 -0.90 19.27
N VAL A 279 -9.19 -0.09 19.94
CA VAL A 279 -8.65 0.84 20.92
C VAL A 279 -7.96 0.08 22.06
N VAL A 280 -8.59 -0.98 22.56
CA VAL A 280 -7.98 -1.75 23.63
C VAL A 280 -6.69 -2.38 23.16
N ALA A 281 -6.69 -2.98 21.97
CA ALA A 281 -5.47 -3.60 21.46
C ALA A 281 -4.35 -2.59 21.32
N ASP A 282 -4.64 -1.43 20.74
CA ASP A 282 -3.61 -0.42 20.56
C ASP A 282 -3.10 0.09 21.90
N GLU A 283 -4.01 0.36 22.84
CA GLU A 283 -3.60 0.82 24.16
C GLU A 283 -2.65 -0.17 24.82
N VAL A 284 -3.02 -1.45 24.82
CA VAL A 284 -2.22 -2.44 25.53
C VAL A 284 -0.87 -2.63 24.84
N ILE A 285 -0.88 -2.77 23.51
CA ILE A 285 0.38 -3.05 22.83
C ILE A 285 1.32 -1.85 22.89
N SER A 286 0.79 -0.63 22.75
CA SER A 286 1.65 0.55 22.78
C SER A 286 2.29 0.78 24.14
N SER A 287 1.77 0.17 25.21
CA SER A 287 2.32 0.30 26.55
C SER A 287 2.59 -1.07 27.15
N MET A 288 3.26 -1.94 26.40
CA MET A 288 3.37 -3.34 26.80
C MET A 288 4.22 -3.49 28.06
N ARG A 289 5.24 -2.65 28.23
CA ARG A 289 6.16 -2.84 29.34
C ARG A 289 5.46 -2.70 30.67
N THR A 290 4.57 -1.73 30.83
CA THR A 290 3.83 -1.58 32.08
C THR A 290 2.95 -2.78 32.35
N VAL A 291 2.23 -3.26 31.34
CA VAL A 291 1.36 -4.42 31.53
C VAL A 291 2.18 -5.62 31.96
N ALA A 292 3.33 -5.83 31.31
CA ALA A 292 4.20 -6.93 31.71
C ALA A 292 4.67 -6.76 33.15
N ALA A 293 5.07 -5.53 33.50
CA ALA A 293 5.60 -5.29 34.85
C ALA A 293 4.56 -5.61 35.91
N PHE A 294 3.31 -5.23 35.68
CA PHE A 294 2.25 -5.44 36.65
C PHE A 294 1.44 -6.71 36.37
N GLY A 295 1.81 -7.48 35.35
CA GLY A 295 1.16 -8.74 35.09
C GLY A 295 -0.32 -8.64 34.81
N GLY A 296 -0.75 -7.62 34.06
CA GLY A 296 -2.16 -7.45 33.75
C GLY A 296 -2.60 -8.04 32.43
N GLY A 297 -1.83 -8.97 31.86
CA GLY A 297 -2.17 -9.50 30.56
C GLY A 297 -3.54 -10.15 30.51
N LYS A 298 -3.87 -10.93 31.54
CA LYS A 298 -5.13 -11.68 31.53
C LYS A 298 -6.33 -10.75 31.45
N ARG A 299 -6.30 -9.66 32.23
CA ARG A 299 -7.41 -8.71 32.21
C ARG A 299 -7.58 -8.09 30.83
N GLU A 300 -6.45 -7.71 30.20
CA GLU A 300 -6.53 -7.13 28.86
C GLU A 300 -7.08 -8.14 27.85
N VAL A 301 -6.67 -9.40 27.96
CA VAL A 301 -7.17 -10.41 27.04
C VAL A 301 -8.68 -10.57 27.20
N GLU A 302 -9.16 -10.60 28.45
CA GLU A 302 -10.60 -10.68 28.68
C GLU A 302 -11.30 -9.46 28.08
N ARG A 303 -10.71 -8.28 28.27
CA ARG A 303 -11.32 -7.05 27.75
C ARG A 303 -11.41 -7.06 26.23
N TYR A 304 -10.42 -7.63 25.57
CA TYR A 304 -10.43 -7.73 24.11
C TYR A 304 -11.45 -8.75 23.63
N GLU A 305 -11.53 -9.88 24.31
CA GLU A 305 -12.50 -10.90 23.97
C GLU A 305 -13.92 -10.37 24.10
N LYS A 306 -14.17 -9.59 25.16
CA LYS A 306 -15.51 -9.05 25.37
C LYS A 306 -15.93 -8.13 24.23
N ASN A 307 -14.97 -7.58 23.49
CA ASN A 307 -15.28 -6.57 22.49
C ASN A 307 -15.25 -7.10 21.06
N LEU A 308 -14.64 -8.27 20.82
CA LEU A 308 -14.65 -8.81 19.46
C LEU A 308 -16.07 -9.10 18.96
N VAL A 309 -17.04 -9.20 19.87
CA VAL A 309 -18.38 -9.66 19.51
C VAL A 309 -19.05 -8.70 18.54
N PHE A 310 -18.83 -7.40 18.71
CA PHE A 310 -19.49 -6.44 17.84
C PHE A 310 -19.06 -6.61 16.39
N ALA A 311 -17.76 -6.76 16.16
CA ALA A 311 -17.28 -7.01 14.81
C ALA A 311 -17.84 -8.31 14.26
N GLN A 312 -17.87 -9.36 15.08
CA GLN A 312 -18.46 -10.61 14.62
C GLN A 312 -19.91 -10.39 14.17
N ARG A 313 -20.69 -9.69 14.99
CA ARG A 313 -22.10 -9.50 14.69
C ARG A 313 -22.30 -8.73 13.38
N TRP A 314 -21.54 -7.64 13.20
CA TRP A 314 -21.70 -6.88 11.98
C TRP A 314 -21.25 -7.67 10.76
N GLY A 315 -20.22 -8.50 10.88
CA GLY A 315 -19.87 -9.37 9.77
C GLY A 315 -20.99 -10.32 9.41
N ILE A 316 -21.62 -10.92 10.43
CA ILE A 316 -22.75 -11.82 10.18
C ILE A 316 -23.83 -11.08 9.40
N ARG A 317 -24.18 -9.88 9.85
CA ARG A 317 -25.28 -9.16 9.21
C ARG A 317 -24.93 -8.76 7.78
N LYS A 318 -23.70 -8.33 7.53
CA LYS A 318 -23.31 -8.03 6.16
C LYS A 318 -23.43 -9.26 5.27
N GLY A 319 -22.95 -10.41 5.76
CA GLY A 319 -23.08 -11.63 4.98
C GLY A 319 -24.53 -11.96 4.66
N ILE A 320 -25.40 -11.83 5.66
CA ILE A 320 -26.82 -12.11 5.44
C ILE A 320 -27.36 -11.22 4.32
N VAL A 321 -27.11 -9.92 4.42
CA VAL A 321 -27.68 -8.98 3.45
C VAL A 321 -27.17 -9.31 2.05
N MET A 322 -25.86 -9.47 1.90
CA MET A 322 -25.31 -9.71 0.58
C MET A 322 -25.82 -11.00 -0.02
N GLY A 323 -25.85 -12.09 0.76
CA GLY A 323 -26.37 -13.34 0.23
C GLY A 323 -27.82 -13.23 -0.20
N PHE A 324 -28.64 -12.59 0.64
CA PHE A 324 -30.05 -12.46 0.31
C PHE A 324 -30.23 -11.69 -1.00
N PHE A 325 -29.51 -10.58 -1.18
CA PHE A 325 -29.71 -9.80 -2.38
C PHE A 325 -29.17 -10.50 -3.62
N THR A 326 -28.07 -11.24 -3.49
CA THR A 326 -27.61 -12.03 -4.64
C THR A 326 -28.66 -13.06 -5.03
N GLY A 327 -29.24 -13.75 -4.05
CA GLY A 327 -30.31 -14.70 -4.36
C GLY A 327 -31.50 -14.02 -5.01
N PHE A 328 -31.84 -12.82 -4.54
CA PHE A 328 -32.96 -12.09 -5.12
C PHE A 328 -32.70 -11.75 -6.58
N VAL A 329 -31.47 -11.31 -6.89
CA VAL A 329 -31.15 -10.98 -8.28
C VAL A 329 -31.25 -12.23 -9.16
N TRP A 330 -30.74 -13.36 -8.65
CA TRP A 330 -30.84 -14.59 -9.44
C TRP A 330 -32.30 -14.98 -9.67
N CYS A 331 -33.13 -14.87 -8.64
CA CYS A 331 -34.55 -15.19 -8.80
C CYS A 331 -35.19 -14.28 -9.83
N LEU A 332 -34.85 -12.99 -9.80
CA LEU A 332 -35.39 -12.07 -10.80
C LEU A 332 -34.94 -12.45 -12.20
N ILE A 333 -33.68 -12.87 -12.36
CA ILE A 333 -33.20 -13.27 -13.68
C ILE A 333 -34.02 -14.43 -14.21
N PHE A 334 -34.24 -15.45 -13.37
CA PHE A 334 -34.97 -16.61 -13.85
C PHE A 334 -36.45 -16.30 -14.09
N LEU A 335 -37.05 -15.45 -13.26
CA LEU A 335 -38.42 -15.04 -13.52
C LEU A 335 -38.52 -14.27 -14.83
N CYS A 336 -37.52 -13.43 -15.13
CA CYS A 336 -37.49 -12.75 -16.41
C CYS A 336 -37.40 -13.75 -17.56
N TYR A 337 -36.57 -14.78 -17.40
CA TYR A 337 -36.52 -15.85 -18.39
C TYR A 337 -37.90 -16.44 -18.63
N ALA A 338 -38.59 -16.81 -17.55
CA ALA A 338 -39.89 -17.45 -17.69
C ALA A 338 -40.89 -16.54 -18.37
N LEU A 339 -40.94 -15.27 -17.96
CA LEU A 339 -41.86 -14.32 -18.60
C LEU A 339 -41.54 -14.16 -20.07
N ALA A 340 -40.25 -14.00 -20.39
CA ALA A 340 -39.86 -13.81 -21.78
C ALA A 340 -40.32 -14.97 -22.63
N PHE A 341 -40.05 -16.20 -22.18
CA PHE A 341 -40.44 -17.36 -22.99
C PHE A 341 -41.94 -17.52 -23.10
N TRP A 342 -42.68 -17.36 -22.00
CA TRP A 342 -44.13 -17.52 -22.07
C TRP A 342 -44.73 -16.50 -23.01
N TYR A 343 -44.30 -15.24 -22.92
CA TYR A 343 -44.88 -14.22 -23.77
C TYR A 343 -44.45 -14.42 -25.23
N GLY A 344 -43.16 -14.66 -25.46
CA GLY A 344 -42.70 -14.91 -26.81
C GLY A 344 -43.36 -16.09 -27.48
N SER A 345 -43.84 -17.06 -26.71
CA SER A 345 -44.65 -18.11 -27.29
C SER A 345 -46.07 -17.61 -27.56
N THR A 346 -46.79 -17.27 -26.49
CA THR A 346 -48.21 -16.96 -26.63
C THR A 346 -48.39 -15.65 -27.39
N LEU A 347 -49.33 -15.67 -28.34
CA LEU A 347 -49.79 -14.48 -29.04
C LEU A 347 -48.70 -13.83 -29.88
N VAL A 348 -47.49 -14.38 -29.87
CA VAL A 348 -46.39 -13.76 -30.60
C VAL A 348 -45.72 -14.77 -31.53
N LEU A 349 -45.79 -16.06 -31.18
CA LEU A 349 -45.18 -17.08 -32.03
C LEU A 349 -46.19 -18.14 -32.44
N ASP A 350 -47.02 -18.57 -31.50
CA ASP A 350 -48.10 -19.49 -31.86
C ASP A 350 -49.23 -18.78 -32.58
N GLU A 351 -49.34 -17.47 -32.37
CA GLU A 351 -50.31 -16.68 -33.13
C GLU A 351 -49.87 -16.47 -34.57
N GLY A 352 -48.56 -16.36 -34.81
CA GLY A 352 -48.01 -16.32 -36.15
C GLY A 352 -47.13 -15.14 -36.48
N GLU A 353 -46.92 -14.20 -35.55
CA GLU A 353 -46.15 -13.00 -35.89
C GLU A 353 -44.67 -13.33 -36.10
N TYR A 354 -44.07 -14.07 -35.17
CA TYR A 354 -42.64 -14.32 -35.18
C TYR A 354 -42.33 -15.74 -35.65
N THR A 355 -41.05 -15.98 -35.89
CA THR A 355 -40.50 -17.31 -36.07
C THR A 355 -39.62 -17.66 -34.87
N PRO A 356 -39.44 -18.96 -34.59
CA PRO A 356 -38.62 -19.32 -33.43
C PRO A 356 -37.23 -18.72 -33.47
N GLY A 357 -36.63 -18.65 -34.66
CA GLY A 357 -35.31 -18.05 -34.78
C GLY A 357 -35.30 -16.61 -34.32
N THR A 358 -36.32 -15.83 -34.72
CA THR A 358 -36.40 -14.45 -34.29
C THR A 358 -36.56 -14.34 -32.78
N LEU A 359 -37.36 -15.22 -32.17
CA LEU A 359 -37.50 -15.21 -30.72
C LEU A 359 -36.17 -15.44 -30.04
N VAL A 360 -35.46 -16.50 -30.45
CA VAL A 360 -34.17 -16.81 -29.83
C VAL A 360 -33.20 -15.66 -30.03
N GLN A 361 -33.16 -15.12 -31.24
CA GLN A 361 -32.22 -14.04 -31.54
C GLN A 361 -32.52 -12.81 -30.70
N ILE A 362 -33.79 -12.44 -30.58
CA ILE A 362 -34.15 -11.27 -29.77
C ILE A 362 -33.72 -11.49 -28.32
N PHE A 363 -34.08 -12.65 -27.76
CA PHE A 363 -33.78 -12.89 -26.36
C PHE A 363 -32.28 -12.85 -26.11
N LEU A 364 -31.50 -13.57 -26.91
CA LEU A 364 -30.06 -13.60 -26.70
C LEU A 364 -29.42 -12.26 -26.98
N SER A 365 -29.92 -11.50 -27.95
CA SER A 365 -29.36 -10.19 -28.23
C SER A 365 -29.58 -9.25 -27.05
N VAL A 366 -30.78 -9.26 -26.47
CA VAL A 366 -31.03 -8.41 -25.31
C VAL A 366 -30.15 -8.84 -24.14
N ILE A 367 -30.01 -10.15 -23.94
CA ILE A 367 -29.18 -10.62 -22.82
C ILE A 367 -27.73 -10.18 -23.02
N VAL A 368 -27.23 -10.30 -24.24
CA VAL A 368 -25.85 -9.90 -24.52
C VAL A 368 -25.68 -8.41 -24.30
N GLY A 369 -26.64 -7.62 -24.77
CA GLY A 369 -26.56 -6.19 -24.58
C GLY A 369 -26.51 -5.82 -23.12
N ALA A 370 -27.39 -6.44 -22.32
CA ALA A 370 -27.40 -6.15 -20.89
C ALA A 370 -26.09 -6.57 -20.24
N LEU A 371 -25.59 -7.75 -20.60
CA LEU A 371 -24.34 -8.22 -20.03
C LEU A 371 -23.20 -7.28 -20.34
N ASN A 372 -23.09 -6.82 -21.59
CA ASN A 372 -21.91 -6.03 -21.93
C ASN A 372 -22.06 -4.57 -21.56
N LEU A 373 -23.28 -4.11 -21.32
CA LEU A 373 -23.43 -2.82 -20.64
C LEU A 373 -22.88 -2.90 -19.23
N GLY A 374 -23.07 -4.04 -18.56
CA GLY A 374 -22.55 -4.19 -17.22
C GLY A 374 -21.03 -4.22 -17.18
N ASN A 375 -20.43 -4.88 -18.17
CA ASN A 375 -18.97 -5.03 -18.17
C ASN A 375 -18.24 -3.73 -18.43
N ALA A 376 -18.95 -2.66 -18.81
CA ALA A 376 -18.30 -1.39 -19.10
C ALA A 376 -18.05 -0.54 -17.86
N SER A 377 -18.57 -0.95 -16.70
CA SER A 377 -18.39 -0.13 -15.50
C SER A 377 -16.94 0.07 -15.11
N PRO A 378 -16.06 -0.94 -15.13
CA PRO A 378 -14.66 -0.68 -14.71
C PRO A 378 -13.99 0.39 -15.55
N CYS A 379 -14.34 0.49 -16.84
CA CYS A 379 -13.75 1.52 -17.69
C CYS A 379 -14.10 2.91 -17.18
N LEU A 380 -15.33 3.10 -16.73
CA LEU A 380 -15.72 4.41 -16.19
C LEU A 380 -14.93 4.73 -14.92
N GLU A 381 -14.74 3.75 -14.05
CA GLU A 381 -13.94 3.97 -12.85
C GLU A 381 -12.51 4.34 -13.22
N ALA A 382 -11.94 3.65 -14.20
CA ALA A 382 -10.58 3.97 -14.64
C ALA A 382 -10.51 5.38 -15.21
N PHE A 383 -11.52 5.76 -16.00
CA PHE A 383 -11.55 7.11 -16.56
C PHE A 383 -11.62 8.14 -15.45
N ALA A 384 -12.46 7.92 -14.44
CA ALA A 384 -12.56 8.86 -13.34
C ALA A 384 -11.23 8.96 -12.59
N THR A 385 -10.59 7.83 -12.32
CA THR A 385 -9.32 7.86 -11.61
C THR A 385 -8.27 8.63 -12.41
N GLY A 386 -8.21 8.40 -13.71
CA GLY A 386 -7.26 9.13 -14.53
C GLY A 386 -7.56 10.62 -14.57
N ARG A 387 -8.84 10.96 -14.75
CA ARG A 387 -9.22 12.37 -14.80
C ARG A 387 -8.89 13.09 -13.51
N ALA A 388 -9.01 12.41 -12.37
CA ALA A 388 -8.69 13.03 -11.10
C ALA A 388 -7.18 13.16 -10.91
N ALA A 389 -6.42 12.13 -11.30
CA ALA A 389 -4.99 12.11 -11.04
C ALA A 389 -4.24 13.14 -11.89
N ALA A 390 -4.79 13.49 -13.05
CA ALA A 390 -4.08 14.37 -13.98
C ALA A 390 -4.05 15.83 -13.53
N THR A 391 -4.77 16.18 -12.47
CA THR A 391 -4.85 17.58 -12.08
C THR A 391 -3.48 18.12 -11.69
N SER A 392 -2.79 17.44 -10.77
CA SER A 392 -1.50 17.94 -10.31
C SER A 392 -0.48 17.99 -11.44
N ILE A 393 -0.43 16.94 -12.26
CA ILE A 393 0.59 16.85 -13.30
C ILE A 393 0.46 18.01 -14.27
N PHE A 394 -0.76 18.27 -14.73
CA PHE A 394 -0.95 19.31 -15.74
C PHE A 394 -0.74 20.70 -15.14
N GLU A 395 -1.17 20.91 -13.89
CA GLU A 395 -0.96 22.21 -13.28
C GLU A 395 0.52 22.49 -13.05
N THR A 396 1.30 21.48 -12.69
CA THR A 396 2.73 21.64 -12.51
C THR A 396 3.49 21.66 -13.83
N ILE A 397 2.88 21.19 -14.91
CA ILE A 397 3.48 21.33 -16.23
C ILE A 397 3.23 22.71 -16.81
N ASP A 398 2.05 23.28 -16.56
CA ASP A 398 1.71 24.58 -17.10
C ASP A 398 2.24 25.73 -16.25
N ARG A 399 2.72 25.44 -15.03
CA ARG A 399 3.16 26.50 -14.14
C ARG A 399 4.40 27.19 -14.70
N LYS A 400 4.37 28.51 -14.71
CA LYS A 400 5.53 29.27 -15.18
C LYS A 400 6.48 29.54 -14.02
N PRO A 401 7.74 29.11 -14.10
CA PRO A 401 8.66 29.32 -12.98
C PRO A 401 9.00 30.79 -12.81
N ILE A 402 9.27 31.17 -11.56
CA ILE A 402 9.67 32.54 -11.26
C ILE A 402 11.06 32.81 -11.80
N ILE A 403 12.00 31.91 -11.53
CA ILE A 403 13.37 32.01 -12.03
C ILE A 403 13.79 30.63 -12.50
N ASP A 404 14.43 30.57 -13.67
CA ASP A 404 14.75 29.28 -14.28
C ASP A 404 15.94 29.45 -15.20
N CYS A 405 16.54 28.31 -15.56
CA CYS A 405 17.63 28.30 -16.52
C CYS A 405 17.13 28.75 -17.89
N MET A 406 17.75 29.78 -18.44
CA MET A 406 17.34 30.30 -19.74
C MET A 406 18.38 31.30 -20.20
N SER A 407 18.28 31.70 -21.48
CA SER A 407 19.16 32.70 -22.06
C SER A 407 18.45 34.01 -22.36
N GLU A 408 17.14 34.09 -22.15
CA GLU A 408 16.37 35.29 -22.43
C GLU A 408 16.23 36.19 -21.21
N ASP A 409 16.85 35.84 -20.08
CA ASP A 409 16.65 36.60 -18.86
C ASP A 409 17.36 37.94 -18.85
N GLY A 410 18.34 38.14 -19.72
CA GLY A 410 18.85 39.48 -19.94
C GLY A 410 20.37 39.52 -20.01
N TYR A 411 20.95 40.43 -19.22
CA TYR A 411 22.30 40.89 -19.42
C TYR A 411 23.33 39.81 -19.10
N LYS A 412 24.53 39.98 -19.67
CA LYS A 412 25.64 39.06 -19.44
C LYS A 412 26.92 39.89 -19.39
N LEU A 413 27.71 39.72 -18.33
CA LEU A 413 28.91 40.51 -18.15
C LEU A 413 30.16 39.75 -18.62
N ASP A 414 31.30 40.42 -18.55
CA ASP A 414 32.59 39.80 -18.81
C ASP A 414 33.66 40.58 -18.07
N ARG A 415 34.72 39.88 -17.68
CA ARG A 415 35.81 40.49 -16.93
C ARG A 415 35.26 41.21 -15.69
N ILE A 416 34.66 40.43 -14.78
CA ILE A 416 34.08 41.01 -13.58
C ILE A 416 35.12 41.06 -12.48
N LYS A 417 35.01 42.07 -11.61
CA LYS A 417 35.91 42.19 -10.49
C LYS A 417 35.61 41.15 -9.40
N GLY A 418 34.38 40.65 -9.37
CA GLY A 418 33.93 39.81 -8.28
C GLY A 418 33.34 40.57 -7.11
N GLU A 419 33.37 41.90 -7.14
CA GLU A 419 32.77 42.67 -6.07
C GLU A 419 31.27 42.43 -6.02
N ILE A 420 30.75 42.22 -4.81
CA ILE A 420 29.34 41.95 -4.60
C ILE A 420 28.88 42.73 -3.38
N GLU A 421 27.62 43.17 -3.40
CA GLU A 421 27.11 44.07 -2.39
C GLU A 421 25.63 43.80 -2.17
N PHE A 422 25.14 44.22 -1.00
CA PHE A 422 23.74 44.12 -0.65
C PHE A 422 23.18 45.52 -0.40
N HIS A 423 21.86 45.65 -0.49
CA HIS A 423 21.16 46.91 -0.26
C HIS A 423 19.81 46.64 0.37
N ASN A 424 19.65 47.01 1.64
CA ASN A 424 18.37 46.97 2.33
C ASN A 424 17.69 45.61 2.17
N VAL A 425 18.46 44.53 2.05
CA VAL A 425 17.86 43.24 1.76
C VAL A 425 17.04 42.78 2.97
N THR A 426 15.76 42.48 2.72
CA THR A 426 14.87 41.90 3.71
C THR A 426 14.21 40.69 3.08
N PHE A 427 14.27 39.55 3.77
CA PHE A 427 13.85 38.29 3.16
C PHE A 427 13.35 37.33 4.21
N HIS A 428 12.37 36.52 3.83
CA HIS A 428 11.90 35.41 4.63
C HIS A 428 11.56 34.25 3.68
N TYR A 429 11.80 33.04 4.16
CA TYR A 429 11.59 31.88 3.30
C TYR A 429 10.12 31.76 2.92
N PRO A 430 9.80 31.51 1.64
CA PRO A 430 8.39 31.38 1.25
C PRO A 430 7.66 30.24 1.92
N SER A 431 8.37 29.22 2.38
CA SER A 431 7.70 28.10 3.07
C SER A 431 7.13 28.52 4.42
N ARG A 432 7.56 29.66 4.95
CA ARG A 432 7.07 30.17 6.22
C ARG A 432 7.36 31.66 6.30
N PRO A 433 6.60 32.47 5.57
CA PRO A 433 6.88 33.92 5.52
C PRO A 433 6.65 34.64 6.84
N GLU A 434 6.15 33.95 7.87
CA GLU A 434 5.93 34.61 9.16
C GLU A 434 7.24 35.09 9.77
N VAL A 435 8.30 34.32 9.66
CA VAL A 435 9.56 34.58 10.34
C VAL A 435 10.47 35.33 9.37
N LYS A 436 10.92 36.52 9.76
CA LYS A 436 11.91 37.25 8.99
C LYS A 436 13.30 36.72 9.31
N ILE A 437 14.09 36.48 8.27
CA ILE A 437 15.44 35.98 8.43
C ILE A 437 16.48 37.08 8.22
N LEU A 438 16.22 37.99 7.29
CA LEU A 438 17.09 39.13 7.03
C LEU A 438 16.29 40.42 7.24
N ASN A 439 16.96 41.45 7.74
CA ASN A 439 16.33 42.73 8.04
C ASN A 439 17.27 43.85 7.68
N ASP A 440 16.96 44.56 6.60
CA ASP A 440 17.72 45.75 6.19
C ASP A 440 19.22 45.47 6.16
N LEU A 441 19.59 44.35 5.55
CA LEU A 441 21.00 43.96 5.47
C LEU A 441 21.71 44.87 4.48
N ASN A 442 22.73 45.58 4.94
CA ASN A 442 23.52 46.51 4.13
C ASN A 442 24.98 46.19 4.37
N MET A 443 25.57 45.39 3.49
CA MET A 443 26.97 45.00 3.63
C MET A 443 27.55 44.76 2.25
N VAL A 444 28.87 44.90 2.16
CA VAL A 444 29.59 44.80 0.88
C VAL A 444 30.80 43.91 1.07
N ILE A 445 31.09 43.09 0.07
CA ILE A 445 32.26 42.23 0.07
C ILE A 445 33.21 42.74 -1.01
N LYS A 446 34.41 43.11 -0.62
CA LYS A 446 35.35 43.71 -1.55
C LYS A 446 36.01 42.64 -2.40
N PRO A 447 36.41 42.99 -3.63
CA PRO A 447 36.94 41.97 -4.55
C PRO A 447 38.34 41.54 -4.18
N GLY A 448 38.75 40.40 -4.75
CA GLY A 448 40.10 39.90 -4.59
C GLY A 448 40.51 39.70 -3.15
N GLU A 449 39.53 39.49 -2.26
CA GLU A 449 39.78 39.37 -0.84
C GLU A 449 38.82 38.35 -0.26
N MET A 450 38.91 38.16 1.06
CA MET A 450 38.09 37.21 1.77
C MET A 450 37.19 37.96 2.76
N THR A 451 36.01 37.40 3.00
CA THR A 451 35.07 37.93 3.98
C THR A 451 34.49 36.77 4.77
N ALA A 452 34.40 36.94 6.09
CA ALA A 452 33.90 35.91 6.98
C ALA A 452 32.60 36.38 7.63
N LEU A 453 31.69 35.44 7.85
CA LEU A 453 30.40 35.71 8.47
C LEU A 453 30.34 35.00 9.81
N VAL A 454 30.01 35.76 10.87
CA VAL A 454 29.95 35.22 12.22
C VAL A 454 28.66 35.69 12.88
N GLY A 455 28.22 34.92 13.87
CA GLY A 455 27.03 35.22 14.61
C GLY A 455 26.26 33.98 14.99
N PRO A 456 25.14 34.16 15.69
CA PRO A 456 24.32 33.00 16.07
C PRO A 456 23.78 32.28 14.84
N SER A 457 23.58 30.97 14.99
CA SER A 457 23.08 30.17 13.87
C SER A 457 21.74 30.70 13.35
N GLY A 458 20.90 31.22 14.24
CA GLY A 458 19.60 31.72 13.85
C GLY A 458 19.58 33.14 13.33
N ALA A 459 20.75 33.74 13.10
CA ALA A 459 20.84 35.11 12.63
C ALA A 459 20.78 35.22 11.11
N GLY A 460 20.24 34.22 10.42
CA GLY A 460 20.24 34.24 8.97
C GLY A 460 21.63 34.25 8.38
N LYS A 461 22.59 33.61 9.05
CA LYS A 461 23.98 33.65 8.60
C LYS A 461 24.14 33.00 7.24
N SER A 462 23.65 31.77 7.09
CA SER A 462 23.84 31.03 5.85
C SER A 462 22.92 31.51 4.74
N THR A 463 21.72 31.99 5.09
CA THR A 463 20.78 32.40 4.05
C THR A 463 21.35 33.49 3.17
N ALA A 464 22.31 34.26 3.67
CA ALA A 464 22.94 35.29 2.84
C ALA A 464 23.63 34.68 1.63
N LEU A 465 24.15 33.46 1.76
CA LEU A 465 24.81 32.83 0.63
C LEU A 465 23.80 32.44 -0.45
N GLN A 466 22.67 31.86 -0.06
CA GLN A 466 21.73 31.38 -1.05
C GLN A 466 21.20 32.50 -1.92
N LEU A 467 21.25 33.74 -1.43
CA LEU A 467 20.75 34.86 -2.22
C LEU A 467 21.73 35.28 -3.31
N ILE A 468 23.02 35.11 -3.09
CA ILE A 468 24.01 35.60 -4.06
C ILE A 468 24.26 34.62 -5.19
N GLN A 469 23.83 33.37 -5.07
CA GLN A 469 23.68 32.48 -6.21
C GLN A 469 22.23 32.42 -6.69
N ARG A 470 21.37 33.26 -6.12
CA ARG A 470 20.01 33.48 -6.61
C ARG A 470 19.17 32.21 -6.56
N PHE A 471 19.17 31.57 -5.39
CA PHE A 471 18.13 30.60 -5.10
C PHE A 471 16.80 31.26 -4.77
N TYR A 472 16.83 32.46 -4.20
CA TYR A 472 15.63 33.24 -3.94
C TYR A 472 15.91 34.69 -4.29
N ASP A 473 14.86 35.41 -4.62
CA ASP A 473 15.00 36.85 -4.75
C ASP A 473 14.57 37.53 -3.46
N PRO A 474 15.28 38.58 -3.03
CA PRO A 474 14.92 39.23 -1.78
C PRO A 474 13.52 39.83 -1.83
N CYS A 475 12.82 39.73 -0.70
CA CYS A 475 11.49 40.32 -0.62
C CYS A 475 11.53 41.83 -0.82
N GLU A 476 12.56 42.48 -0.29
CA GLU A 476 12.76 43.91 -0.49
C GLU A 476 14.25 44.19 -0.54
N GLY A 477 14.60 45.26 -1.25
CA GLY A 477 15.98 45.68 -1.38
C GLY A 477 16.56 45.34 -2.74
N MET A 478 17.88 45.15 -2.74
CA MET A 478 18.60 44.85 -3.97
C MET A 478 19.95 44.25 -3.63
N VAL A 479 20.41 43.33 -4.49
CA VAL A 479 21.74 42.74 -4.37
C VAL A 479 22.42 42.88 -5.72
N THR A 480 23.66 43.38 -5.72
CA THR A 480 24.36 43.70 -6.94
C THR A 480 25.73 43.05 -6.94
N VAL A 481 26.23 42.71 -8.13
CA VAL A 481 27.59 42.22 -8.31
C VAL A 481 28.28 43.13 -9.32
N ASP A 482 29.44 43.66 -8.93
CA ASP A 482 30.23 44.52 -9.81
C ASP A 482 29.38 45.67 -10.34
N GLY A 483 28.52 46.21 -9.47
CA GLY A 483 27.71 47.36 -9.82
C GLY A 483 26.44 47.05 -10.60
N HIS A 484 26.16 45.79 -10.88
CA HIS A 484 24.95 45.39 -11.60
C HIS A 484 24.06 44.56 -10.69
N ASP A 485 22.76 44.84 -10.73
CA ASP A 485 21.80 44.07 -9.95
C ASP A 485 21.79 42.63 -10.42
N ILE A 486 21.64 41.71 -9.46
CA ILE A 486 21.65 40.29 -9.79
C ILE A 486 20.50 39.94 -10.72
N ARG A 487 19.33 40.53 -10.52
CA ARG A 487 18.25 40.38 -11.47
C ARG A 487 18.60 41.11 -12.76
N SER A 488 18.09 40.60 -13.87
CA SER A 488 18.41 41.07 -15.23
C SER A 488 19.80 40.62 -15.67
N LEU A 489 20.52 39.88 -14.84
CA LEU A 489 21.82 39.32 -15.20
C LEU A 489 21.64 37.84 -15.49
N ASN A 490 22.15 37.40 -16.63
CA ASN A 490 21.87 36.05 -17.11
C ASN A 490 22.20 35.02 -16.04
N ILE A 491 21.18 34.35 -15.52
CA ILE A 491 21.38 33.45 -14.38
C ILE A 491 22.32 32.31 -14.76
N GLN A 492 22.12 31.70 -15.93
CA GLN A 492 22.99 30.60 -16.32
C GLN A 492 24.46 31.03 -16.35
N TRP A 493 24.72 32.27 -16.78
CA TRP A 493 26.09 32.78 -16.75
C TRP A 493 26.51 33.12 -15.32
N LEU A 494 25.59 33.64 -14.51
CA LEU A 494 25.95 34.04 -13.16
C LEU A 494 26.42 32.85 -12.32
N ARG A 495 25.61 31.79 -12.28
CA ARG A 495 25.96 30.64 -11.46
C ARG A 495 27.21 29.93 -11.96
N ASP A 496 27.65 30.22 -13.18
CA ASP A 496 28.91 29.70 -13.68
C ASP A 496 30.11 30.35 -13.02
N GLN A 497 30.02 31.63 -12.67
CA GLN A 497 31.12 32.29 -11.97
C GLN A 497 31.23 31.83 -10.51
N ILE A 498 30.12 31.47 -9.90
CA ILE A 498 30.11 31.11 -8.49
C ILE A 498 30.48 29.64 -8.33
N GLY A 499 31.20 29.35 -7.25
CA GLY A 499 31.51 27.99 -6.87
C GLY A 499 31.34 27.80 -5.38
N ILE A 500 30.55 26.83 -4.96
CA ILE A 500 30.20 26.66 -3.56
C ILE A 500 30.74 25.33 -3.04
N VAL A 501 31.08 25.33 -1.76
CA VAL A 501 31.42 24.10 -1.04
C VAL A 501 30.23 23.77 -0.14
N GLU A 502 29.59 22.65 -0.41
CA GLU A 502 28.33 22.32 0.25
C GLU A 502 28.55 22.16 1.75
N GLN A 503 27.53 22.54 2.53
CA GLN A 503 27.58 22.33 3.97
C GLN A 503 27.68 20.86 4.32
N GLU A 504 27.17 19.99 3.44
CA GLU A 504 27.26 18.55 3.62
C GLU A 504 27.53 17.91 2.27
N PRO A 505 28.62 17.16 2.13
CA PRO A 505 29.03 16.71 0.79
C PRO A 505 27.97 15.85 0.12
N VAL A 506 27.82 16.02 -1.18
CA VAL A 506 26.87 15.26 -1.98
C VAL A 506 27.58 14.79 -3.25
N LEU A 507 27.51 13.49 -3.51
CA LEU A 507 28.12 12.89 -4.70
C LEU A 507 27.07 12.12 -5.47
N PHE A 508 27.29 12.01 -6.78
CA PHE A 508 26.35 11.36 -7.67
C PHE A 508 26.85 9.96 -8.05
N SER A 509 25.91 9.13 -8.50
CA SER A 509 26.20 7.74 -8.82
C SER A 509 26.96 7.62 -10.13
N THR A 510 28.24 8.01 -10.11
CA THR A 510 29.10 7.87 -11.29
C THR A 510 30.54 7.76 -10.79
N THR A 511 31.48 7.80 -11.73
CA THR A 511 32.88 7.68 -11.38
C THR A 511 33.35 8.94 -10.67
N ILE A 512 34.48 8.81 -9.96
CA ILE A 512 35.09 9.97 -9.32
C ILE A 512 35.48 11.01 -10.37
N ALA A 513 36.08 10.55 -11.47
CA ALA A 513 36.49 11.47 -12.52
C ALA A 513 35.30 12.25 -13.07
N GLU A 514 34.19 11.57 -13.31
CA GLU A 514 32.99 12.27 -13.77
C GLU A 514 32.44 13.20 -12.70
N ASN A 515 32.38 12.73 -11.45
CA ASN A 515 31.87 13.58 -10.37
C ASN A 515 32.65 14.89 -10.30
N ILE A 516 33.97 14.83 -10.48
CA ILE A 516 34.75 16.06 -10.53
C ILE A 516 34.47 16.83 -11.81
N ARG A 517 34.32 16.13 -12.93
CA ARG A 517 34.09 16.80 -14.20
C ARG A 517 32.73 17.50 -14.25
N TYR A 518 31.81 17.12 -13.38
CA TYR A 518 30.51 17.80 -13.35
C TYR A 518 30.67 19.29 -13.08
N GLY A 519 31.73 19.70 -12.39
CA GLY A 519 31.97 21.11 -12.17
C GLY A 519 32.18 21.88 -13.46
N ARG A 520 32.81 21.26 -14.44
CA ARG A 520 33.06 21.93 -15.72
C ARG A 520 33.09 20.87 -16.81
N GLU A 521 32.27 21.05 -17.84
CA GLU A 521 32.11 20.01 -18.85
C GLU A 521 33.40 19.78 -19.63
N ASP A 522 34.02 20.85 -20.12
CA ASP A 522 35.19 20.74 -20.99
C ASP A 522 36.46 20.44 -20.21
N ALA A 523 36.37 20.12 -18.92
CA ALA A 523 37.56 19.83 -18.14
C ALA A 523 38.23 18.56 -18.68
N THR A 524 39.54 18.65 -18.88
CA THR A 524 40.31 17.51 -19.36
C THR A 524 40.76 16.63 -18.20
N MET A 525 41.27 15.45 -18.54
CA MET A 525 41.69 14.51 -17.50
C MET A 525 42.80 15.10 -16.65
N GLU A 526 43.78 15.75 -17.29
CA GLU A 526 44.85 16.39 -16.51
C GLU A 526 44.30 17.55 -15.69
N ASP A 527 43.27 18.25 -16.18
CA ASP A 527 42.63 19.27 -15.38
C ASP A 527 41.99 18.67 -14.13
N ILE A 528 41.33 17.52 -14.30
CA ILE A 528 40.74 16.83 -13.15
C ILE A 528 41.84 16.44 -12.16
N VAL A 529 42.96 15.94 -12.68
CA VAL A 529 44.06 15.54 -11.80
C VAL A 529 44.58 16.73 -11.03
N GLN A 530 44.74 17.87 -11.71
CA GLN A 530 45.23 19.08 -11.05
C GLN A 530 44.26 19.53 -9.97
N ALA A 531 42.95 19.51 -10.27
CA ALA A 531 41.97 19.91 -9.28
C ALA A 531 42.00 18.98 -8.08
N ALA A 532 42.15 17.67 -8.32
CA ALA A 532 42.24 16.73 -7.20
C ALA A 532 43.48 17.02 -6.37
N LYS A 533 44.61 17.28 -7.02
CA LYS A 533 45.84 17.58 -6.29
C LYS A 533 45.66 18.83 -5.42
N GLU A 534 45.06 19.88 -5.98
CA GLU A 534 44.85 21.10 -5.21
C GLU A 534 43.93 20.85 -4.03
N ALA A 535 42.94 19.99 -4.21
CA ALA A 535 41.99 19.66 -3.15
C ALA A 535 42.54 18.63 -2.17
N ASN A 536 43.78 18.16 -2.38
CA ASN A 536 44.39 17.15 -1.53
C ASN A 536 43.68 15.81 -1.65
N ALA A 537 43.05 15.55 -2.80
CA ALA A 537 42.37 14.28 -3.00
C ALA A 537 43.17 13.33 -3.87
N TYR A 538 44.17 13.83 -4.59
CA TYR A 538 44.90 12.99 -5.55
C TYR A 538 45.51 11.78 -4.87
N ASN A 539 46.19 11.99 -3.75
CA ASN A 539 46.83 10.87 -3.06
C ASN A 539 45.79 9.86 -2.58
N PHE A 540 44.69 10.32 -1.99
CA PHE A 540 43.65 9.41 -1.54
C PHE A 540 43.03 8.67 -2.72
N ILE A 541 42.74 9.39 -3.81
CA ILE A 541 42.07 8.77 -4.94
C ILE A 541 42.94 7.70 -5.57
N MET A 542 44.23 8.00 -5.76
CA MET A 542 45.12 7.03 -6.39
C MET A 542 45.31 5.77 -5.55
N ASP A 543 44.92 5.80 -4.27
CA ASP A 543 45.00 4.64 -3.41
C ASP A 543 43.78 3.73 -3.54
N LEU A 544 42.77 4.12 -4.32
CA LEU A 544 41.57 3.30 -4.46
C LEU A 544 41.87 2.08 -5.32
N PRO A 545 41.07 1.02 -5.18
CA PRO A 545 41.32 -0.19 -5.98
C PRO A 545 41.35 0.07 -7.48
N GLN A 546 40.48 0.93 -7.99
CA GLN A 546 40.47 1.30 -9.40
C GLN A 546 40.78 2.77 -9.61
N GLN A 547 41.16 3.47 -8.55
CA GLN A 547 41.63 4.87 -8.63
C GLN A 547 40.48 5.73 -9.17
N PHE A 548 40.74 6.59 -10.17
CA PHE A 548 39.78 7.64 -10.51
C PHE A 548 38.46 7.09 -11.04
N ASP A 549 38.43 5.84 -11.49
CA ASP A 549 37.25 5.30 -12.15
C ASP A 549 36.28 4.61 -11.20
N THR A 550 36.58 4.56 -9.91
CA THR A 550 35.70 3.88 -8.97
C THR A 550 34.35 4.60 -8.87
N LEU A 551 33.27 3.83 -8.90
CA LEU A 551 31.95 4.39 -8.65
C LEU A 551 31.86 4.83 -7.20
N VAL A 552 31.34 6.03 -6.96
CA VAL A 552 31.43 6.65 -5.64
C VAL A 552 30.07 7.14 -5.17
N GLY A 553 29.00 6.70 -5.84
CA GLY A 553 27.67 7.09 -5.42
C GLY A 553 27.24 6.34 -4.17
N GLU A 554 26.07 6.72 -3.67
CA GLU A 554 25.49 6.01 -2.54
C GLU A 554 25.34 4.53 -2.83
N GLY A 555 25.09 4.16 -4.08
CA GLY A 555 25.08 2.78 -4.50
C GLY A 555 26.45 2.21 -4.82
N GLY A 556 27.49 3.03 -4.80
CA GLY A 556 28.84 2.60 -5.07
C GLY A 556 29.66 2.45 -3.81
N GLY A 557 30.99 2.47 -3.98
CA GLY A 557 31.89 2.33 -2.86
C GLY A 557 31.74 3.49 -1.89
N GLN A 558 31.44 3.18 -0.62
CA GLN A 558 31.31 4.22 0.38
C GLN A 558 32.66 4.84 0.70
N MET A 559 32.62 6.07 1.20
CA MET A 559 33.83 6.79 1.57
C MET A 559 33.57 7.59 2.84
N SER A 560 34.67 7.97 3.50
CA SER A 560 34.57 8.80 4.68
C SER A 560 34.12 10.21 4.31
N GLY A 561 33.50 10.90 5.27
CA GLY A 561 33.02 12.24 5.01
C GLY A 561 34.11 13.20 4.58
N GLY A 562 35.30 13.07 5.15
CA GLY A 562 36.40 13.94 4.77
C GLY A 562 36.75 13.82 3.30
N GLN A 563 36.82 12.58 2.80
CA GLN A 563 37.15 12.40 1.39
C GLN A 563 36.04 12.93 0.49
N LYS A 564 34.78 12.73 0.89
CA LYS A 564 33.67 13.27 0.11
C LYS A 564 33.76 14.78 0.04
N GLN A 565 34.05 15.44 1.17
CA GLN A 565 34.19 16.89 1.15
C GLN A 565 35.38 17.32 0.30
N ARG A 566 36.47 16.54 0.33
CA ARG A 566 37.63 16.89 -0.48
C ARG A 566 37.30 16.81 -1.97
N VAL A 567 36.59 15.76 -2.38
CA VAL A 567 36.24 15.65 -3.80
C VAL A 567 35.23 16.73 -4.17
N ALA A 568 34.35 17.11 -3.25
CA ALA A 568 33.45 18.23 -3.52
C ALA A 568 34.23 19.53 -3.69
N ILE A 569 35.26 19.74 -2.88
CA ILE A 569 36.10 20.92 -3.03
C ILE A 569 36.81 20.89 -4.38
N ALA A 570 37.25 19.70 -4.80
CA ALA A 570 37.86 19.57 -6.12
C ALA A 570 36.86 19.95 -7.21
N ARG A 571 35.62 19.48 -7.08
CA ARG A 571 34.58 19.85 -8.03
C ARG A 571 34.39 21.36 -8.06
N ALA A 572 34.42 22.01 -6.90
CA ALA A 572 34.29 23.46 -6.85
C ALA A 572 35.47 24.12 -7.55
N LEU A 573 36.67 23.59 -7.36
CA LEU A 573 37.87 24.22 -7.91
C LEU A 573 37.99 24.05 -9.41
N ILE A 574 37.57 22.89 -9.94
CA ILE A 574 37.81 22.59 -11.34
C ILE A 574 37.24 23.66 -12.25
N ARG A 575 36.23 24.40 -11.80
CA ARG A 575 35.64 25.47 -12.57
C ARG A 575 36.32 26.81 -12.35
N ASN A 576 37.37 26.85 -11.53
CA ASN A 576 38.10 28.07 -11.16
C ASN A 576 37.11 29.24 -10.97
N PRO A 577 36.23 29.15 -9.98
CA PRO A 577 35.21 30.19 -9.83
C PRO A 577 35.81 31.53 -9.43
N LYS A 578 35.16 32.60 -9.87
CA LYS A 578 35.57 33.93 -9.47
C LYS A 578 35.12 34.25 -8.05
N ILE A 579 34.00 33.68 -7.61
CA ILE A 579 33.48 33.85 -6.27
C ILE A 579 33.36 32.47 -5.65
N LEU A 580 33.95 32.29 -4.48
CA LEU A 580 33.95 31.01 -3.78
C LEU A 580 33.17 31.14 -2.48
N LEU A 581 32.21 30.24 -2.28
CA LEU A 581 31.35 30.26 -1.10
C LEU A 581 31.61 29.00 -0.28
N LEU A 582 31.89 29.18 1.00
CA LEU A 582 32.17 28.08 1.92
C LEU A 582 31.07 28.08 2.98
N ASP A 583 30.00 27.32 2.70
CA ASP A 583 28.84 27.28 3.60
C ASP A 583 29.06 26.23 4.68
N MET A 584 29.96 26.55 5.61
CA MET A 584 30.26 25.67 6.74
C MET A 584 30.68 24.29 6.25
N ALA A 585 31.78 24.23 5.51
CA ALA A 585 32.19 22.97 4.88
C ALA A 585 32.48 21.89 5.92
N THR A 586 33.17 22.26 7.00
CA THR A 586 33.66 21.26 7.95
C THR A 586 32.64 20.91 9.03
N SER A 587 31.44 21.50 9.00
CA SER A 587 30.47 21.25 10.06
C SER A 587 30.03 19.79 10.11
N ALA A 588 30.11 19.06 9.00
CA ALA A 588 29.63 17.69 8.95
C ALA A 588 30.73 16.66 9.18
N LEU A 589 31.93 17.08 9.52
CA LEU A 589 33.08 16.18 9.62
C LEU A 589 33.49 15.99 11.08
N ASP A 590 34.26 14.93 11.32
CA ASP A 590 34.84 14.69 12.63
C ASP A 590 36.15 15.46 12.77
N ASN A 591 36.74 15.39 13.96
CA ASN A 591 37.88 16.25 14.27
C ASN A 591 39.04 16.03 13.30
N GLU A 592 39.40 14.77 13.03
CA GLU A 592 40.51 14.52 12.11
C GLU A 592 40.19 15.00 10.71
N SER A 593 39.03 14.60 10.19
CA SER A 593 38.63 15.06 8.86
C SER A 593 38.39 16.57 8.86
N GLU A 594 37.86 17.11 9.96
CA GLU A 594 37.72 18.57 10.07
C GLU A 594 39.06 19.25 9.85
N ALA A 595 40.09 18.80 10.57
CA ALA A 595 41.40 19.42 10.44
C ALA A 595 41.95 19.23 9.03
N MET A 596 41.80 18.03 8.47
CA MET A 596 42.37 17.78 7.15
C MET A 596 41.71 18.65 6.09
N VAL A 597 40.38 18.78 6.13
CA VAL A 597 39.69 19.62 5.16
C VAL A 597 40.00 21.09 5.38
N GLN A 598 40.11 21.52 6.65
CA GLN A 598 40.50 22.89 6.91
C GLN A 598 41.89 23.18 6.36
N GLU A 599 42.77 22.19 6.38
CA GLU A 599 44.08 22.36 5.76
C GLU A 599 43.99 22.58 4.26
N VAL A 600 43.11 21.86 3.56
CA VAL A 600 42.87 22.15 2.15
C VAL A 600 42.33 23.55 1.97
N LEU A 601 41.37 23.93 2.80
CA LEU A 601 40.83 25.27 2.76
C LEU A 601 41.87 26.26 3.32
N SER A 602 41.67 27.53 2.98
CA SER A 602 42.47 28.62 3.54
C SER A 602 43.96 28.43 3.23
N LYS A 603 44.26 27.68 2.17
CA LYS A 603 45.66 27.43 1.81
C LYS A 603 45.97 27.96 0.42
N ILE A 604 45.10 27.68 -0.54
CA ILE A 604 45.32 28.07 -1.93
C ILE A 604 44.16 28.95 -2.38
N GLN A 605 43.62 29.72 -1.44
CA GLN A 605 42.43 30.55 -1.69
C GLN A 605 42.86 32.02 -1.70
N HIS A 606 43.12 32.53 -2.89
CA HIS A 606 43.50 33.93 -3.05
C HIS A 606 43.22 34.34 -4.49
N GLY A 607 43.23 35.64 -4.72
CA GLY A 607 42.92 36.17 -6.05
C GLY A 607 41.43 36.22 -6.32
N HIS A 608 40.75 35.09 -6.24
CA HIS A 608 39.31 35.05 -6.36
C HIS A 608 38.67 35.23 -4.99
N THR A 609 37.56 35.96 -4.96
CA THR A 609 36.91 36.31 -3.70
C THR A 609 36.41 35.04 -2.99
N ILE A 610 36.39 35.11 -1.67
CA ILE A 610 35.88 34.03 -0.84
C ILE A 610 34.93 34.61 0.19
N ILE A 611 33.75 34.01 0.31
CA ILE A 611 32.78 34.34 1.35
C ILE A 611 32.54 33.08 2.16
N SER A 612 32.93 33.11 3.43
CA SER A 612 32.99 31.90 4.23
C SER A 612 32.16 32.06 5.49
N VAL A 613 31.45 31.01 5.85
CA VAL A 613 30.74 30.90 7.12
C VAL A 613 31.55 29.97 8.00
N ALA A 614 31.94 30.44 9.18
CA ALA A 614 32.85 29.70 10.03
C ALA A 614 32.11 28.68 10.87
N HIS A 615 32.48 27.40 10.73
CA HIS A 615 31.96 26.38 11.61
C HIS A 615 32.42 26.61 13.04
N ARG A 616 33.68 27.00 13.22
CA ARG A 616 34.23 27.42 14.50
C ARG A 616 34.99 28.71 14.33
N LEU A 617 34.93 29.57 15.34
CA LEU A 617 35.37 30.95 15.20
C LEU A 617 36.86 31.07 14.92
N SER A 618 37.67 30.09 15.34
CA SER A 618 39.12 30.23 15.25
C SER A 618 39.62 30.33 13.81
N THR A 619 38.81 29.92 12.84
CA THR A 619 39.29 29.83 11.46
C THR A 619 39.24 31.15 10.71
N VAL A 620 38.57 32.16 11.24
CA VAL A 620 38.40 33.42 10.52
C VAL A 620 39.57 34.38 10.69
N ARG A 621 40.65 33.93 11.34
CA ARG A 621 41.73 34.85 11.70
C ARG A 621 42.34 35.53 10.47
N ALA A 622 42.42 34.81 9.34
CA ALA A 622 43.13 35.32 8.18
C ALA A 622 42.26 36.15 7.25
N ALA A 623 40.98 36.31 7.54
CA ALA A 623 40.10 37.06 6.65
C ALA A 623 40.51 38.53 6.60
N ASP A 624 40.45 39.10 5.40
CA ASP A 624 40.69 40.53 5.25
C ASP A 624 39.64 41.34 6.00
N THR A 625 38.42 40.83 6.11
CA THR A 625 37.34 41.51 6.81
C THR A 625 36.48 40.47 7.51
N ILE A 626 35.82 40.90 8.57
CA ILE A 626 34.90 40.05 9.32
C ILE A 626 33.61 40.84 9.54
N ILE A 627 32.48 40.18 9.29
CA ILE A 627 31.16 40.80 9.43
C ILE A 627 30.34 39.93 10.38
N GLY A 628 29.75 40.56 11.39
CA GLY A 628 28.92 39.84 12.34
C GLY A 628 27.44 40.00 12.00
N PHE A 629 26.68 38.94 12.23
CA PHE A 629 25.26 38.91 11.96
C PHE A 629 24.49 38.70 13.26
N GLU A 630 23.48 39.54 13.48
CA GLU A 630 22.62 39.41 14.64
C GLU A 630 21.24 39.97 14.29
N HIS A 631 20.20 39.17 14.59
CA HIS A 631 18.84 39.48 14.17
C HIS A 631 18.78 39.81 12.68
N GLY A 632 19.54 39.06 11.89
CA GLY A 632 19.51 39.23 10.45
C GLY A 632 19.97 40.57 9.95
N THR A 633 21.00 41.15 10.57
CA THR A 633 21.56 42.42 10.11
C THR A 633 23.05 42.47 10.43
N ALA A 634 23.80 43.12 9.55
CA ALA A 634 25.24 43.27 9.77
C ALA A 634 25.49 44.32 10.84
N VAL A 635 26.33 43.96 11.82
CA VAL A 635 26.58 44.83 12.96
C VAL A 635 28.07 45.12 13.10
N GLU A 636 28.88 44.06 13.28
CA GLU A 636 30.26 44.26 13.69
C GLU A 636 31.09 44.91 12.60
N ARG A 637 31.25 44.26 11.44
CA ARG A 637 31.85 44.89 10.27
C ARG A 637 33.35 45.13 10.46
N GLY A 638 33.93 44.63 11.55
CA GLY A 638 35.37 44.86 11.86
C GLY A 638 36.14 43.56 11.91
N THR A 639 37.42 43.57 11.51
CA THR A 639 38.30 42.37 11.50
C THR A 639 38.57 41.94 12.92
N HIS A 640 39.35 40.89 13.13
CA HIS A 640 39.59 40.33 14.50
C HIS A 640 39.94 41.47 15.45
N GLU A 641 41.05 42.17 15.21
CA GLU A 641 41.48 43.30 16.07
C GLU A 641 40.33 44.27 16.32
N GLU A 642 39.46 44.50 15.34
CA GLU A 642 38.38 45.51 15.42
C GLU A 642 37.15 44.95 16.16
N LEU A 643 36.92 43.64 16.09
CA LEU A 643 35.80 42.98 16.80
C LEU A 643 36.30 42.61 18.20
N LEU A 644 37.61 42.77 18.44
CA LEU A 644 38.23 42.55 19.78
C LEU A 644 38.16 43.88 20.54
N GLU A 645 37.55 44.92 19.95
CA GLU A 645 37.34 46.22 20.59
C GLU A 645 36.60 46.06 21.90
N ARG A 646 35.88 44.96 22.07
CA ARG A 646 35.11 44.71 23.28
C ARG A 646 35.13 43.19 23.53
N LYS A 647 34.20 42.72 24.35
CA LYS A 647 34.25 41.34 24.82
C LYS A 647 34.33 40.33 23.70
N GLY A 648 33.71 40.60 22.55
CA GLY A 648 33.61 39.58 21.53
C GLY A 648 32.86 38.38 22.08
N VAL A 649 31.56 38.56 22.33
CA VAL A 649 30.81 37.61 23.15
C VAL A 649 30.93 36.20 22.58
N TYR A 650 30.73 36.06 21.27
CA TYR A 650 30.77 34.74 20.65
C TYR A 650 32.15 34.09 20.80
N PHE A 651 33.21 34.83 20.47
CA PHE A 651 34.55 34.24 20.51
C PHE A 651 34.96 33.87 21.93
N THR A 652 34.77 34.81 22.87
CA THR A 652 35.10 34.50 24.25
C THR A 652 34.26 33.36 24.78
N LEU A 653 32.98 33.31 24.42
CA LEU A 653 32.11 32.23 24.90
C LEU A 653 32.59 30.88 24.38
N VAL A 654 32.90 30.79 23.08
CA VAL A 654 33.32 29.51 22.54
C VAL A 654 34.66 29.09 23.13
N THR A 655 35.58 30.05 23.31
CA THR A 655 36.86 29.72 23.91
C THR A 655 36.69 29.25 25.35
N LEU A 656 35.80 29.89 26.12
CA LEU A 656 35.61 29.53 27.52
C LEU A 656 34.95 28.16 27.64
N GLN A 657 33.91 27.91 26.85
CA GLN A 657 33.16 26.66 26.99
C GLN A 657 33.91 25.48 26.41
N SER A 658 34.46 25.62 25.20
CA SER A 658 35.14 24.53 24.53
C SER A 658 36.63 24.46 24.87
N GLN A 659 37.16 25.43 25.60
CA GLN A 659 38.57 25.43 25.96
C GLN A 659 38.78 26.16 27.28
N SER A 686 -4.41 3.39 13.01
CA SER A 686 -3.32 3.23 12.07
C SER A 686 -3.59 2.05 11.14
N TYR A 687 -4.29 1.05 11.66
CA TYR A 687 -4.66 -0.12 10.86
C TYR A 687 -5.81 0.16 9.91
N GLN A 688 -6.48 1.32 10.07
CA GLN A 688 -7.75 1.53 9.39
C GLN A 688 -7.59 1.48 7.88
N ASP A 689 -6.53 2.04 7.34
CA ASP A 689 -6.35 2.02 5.89
C ASP A 689 -6.30 0.57 5.39
N SER A 690 -5.44 -0.25 6.00
CA SER A 690 -5.29 -1.63 5.56
C SER A 690 -6.60 -2.40 5.73
N LEU A 691 -7.27 -2.23 6.88
CA LEU A 691 -8.51 -2.96 7.10
C LEU A 691 -9.59 -2.56 6.11
N ARG A 692 -9.71 -1.25 5.83
CA ARG A 692 -10.69 -0.78 4.86
C ARG A 692 -10.40 -1.35 3.48
N ALA A 693 -9.14 -1.30 3.06
CA ALA A 693 -8.80 -1.83 1.75
C ALA A 693 -9.11 -3.32 1.66
N SER A 694 -8.74 -4.08 2.69
CA SER A 694 -8.99 -5.51 2.68
C SER A 694 -10.49 -5.80 2.64
N ILE A 695 -11.28 -5.07 3.44
CA ILE A 695 -12.71 -5.32 3.48
C ILE A 695 -13.33 -5.04 2.12
N ARG A 696 -12.98 -3.91 1.51
CA ARG A 696 -13.58 -3.56 0.22
C ARG A 696 -13.15 -4.56 -0.85
N GLN A 697 -11.88 -4.94 -0.87
CA GLN A 697 -11.41 -5.89 -1.87
C GLN A 697 -12.10 -7.24 -1.72
N ARG A 698 -12.24 -7.71 -0.47
CA ARG A 698 -12.91 -8.99 -0.26
C ARG A 698 -14.38 -8.91 -0.64
N SER A 699 -15.06 -7.82 -0.32
CA SER A 699 -16.46 -7.67 -0.71
C SER A 699 -16.59 -7.69 -2.23
N LYS A 700 -15.70 -6.99 -2.93
CA LYS A 700 -15.74 -7.01 -4.39
C LYS A 700 -15.47 -8.42 -4.92
N SER A 701 -14.54 -9.15 -4.31
CA SER A 701 -14.23 -10.50 -4.77
C SER A 701 -15.45 -11.40 -4.68
N GLN A 702 -16.18 -11.35 -3.56
CA GLN A 702 -17.37 -12.16 -3.42
C GLN A 702 -18.44 -11.76 -4.42
N LEU A 703 -18.40 -10.51 -4.91
CA LEU A 703 -19.40 -10.04 -5.86
C LEU A 703 -19.30 -10.76 -7.20
N SER A 704 -18.22 -11.50 -7.45
CA SER A 704 -18.04 -12.15 -8.73
C SER A 704 -19.09 -13.23 -9.00
N TYR A 705 -19.75 -13.74 -7.95
CA TYR A 705 -20.75 -14.79 -8.13
C TYR A 705 -22.00 -14.29 -8.83
N LEU A 706 -22.17 -12.98 -8.98
CA LEU A 706 -23.34 -12.45 -9.67
C LEU A 706 -23.27 -12.67 -11.18
N VAL A 707 -22.10 -13.12 -11.68
CA VAL A 707 -21.91 -13.42 -13.12
C VAL A 707 -23.02 -14.35 -13.62
N HIS A 708 -23.55 -14.10 -14.83
CA HIS A 708 -24.59 -14.96 -15.45
C HIS A 708 -24.50 -14.80 -16.97
N GLU A 709 -24.01 -15.82 -17.68
CA GLU A 709 -23.83 -15.76 -19.15
C GLU A 709 -25.12 -16.20 -19.84
N PRO A 710 -25.23 -16.12 -21.19
CA PRO A 710 -26.39 -16.65 -21.90
C PRO A 710 -26.11 -18.05 -22.40
N PRO A 711 -27.13 -18.87 -22.71
CA PRO A 711 -26.88 -20.18 -23.30
C PRO A 711 -26.58 -19.99 -24.78
N LEU A 712 -25.79 -20.89 -25.39
CA LEU A 712 -25.47 -20.83 -26.83
C LEU A 712 -24.77 -19.49 -27.04
N ALA A 713 -25.11 -18.73 -28.09
CA ALA A 713 -24.60 -17.37 -28.25
C ALA A 713 -23.08 -17.33 -28.13
N VAL A 714 -22.56 -16.31 -27.44
CA VAL A 714 -21.12 -16.17 -27.22
C VAL A 714 -20.90 -15.91 -25.73
N VAL A 715 -19.72 -16.30 -25.26
CA VAL A 715 -19.45 -16.24 -23.82
C VAL A 715 -19.20 -14.81 -23.37
N ASP A 716 -19.20 -14.63 -22.06
CA ASP A 716 -18.72 -13.38 -21.45
C ASP A 716 -17.21 -13.43 -21.41
N HIS A 717 -16.56 -12.60 -22.24
CA HIS A 717 -15.12 -12.71 -22.41
C HIS A 717 -14.38 -12.48 -21.10
N LYS A 718 -14.78 -11.46 -20.33
CA LYS A 718 -14.09 -11.15 -19.09
C LYS A 718 -14.96 -10.28 -18.20
N SER A 719 -15.23 -10.75 -16.98
CA SER A 719 -16.04 -10.00 -16.04
C SER A 719 -15.27 -8.77 -15.54
N VAL A 736 7.10 -16.34 6.65
CA VAL A 736 6.66 -15.51 5.54
C VAL A 736 6.12 -16.39 4.42
N GLU A 737 6.69 -17.58 4.29
CA GLU A 737 6.23 -18.50 3.25
C GLU A 737 4.78 -18.91 3.51
N PRO A 738 3.95 -19.03 2.48
CA PRO A 738 2.54 -19.34 2.71
C PRO A 738 2.38 -20.70 3.40
N ALA A 739 1.41 -20.77 4.31
CA ALA A 739 1.21 -21.98 5.08
C ALA A 739 0.38 -22.98 4.29
N PRO A 740 0.52 -24.27 4.58
CA PRO A 740 -0.32 -25.27 3.90
C PRO A 740 -1.78 -25.13 4.31
N VAL A 741 -2.67 -25.42 3.36
CA VAL A 741 -4.09 -25.35 3.65
C VAL A 741 -4.50 -26.38 4.68
N ARG A 742 -3.71 -27.44 4.82
CA ARG A 742 -3.99 -28.45 5.85
C ARG A 742 -4.08 -27.80 7.22
N ARG A 743 -3.11 -26.96 7.56
CA ARG A 743 -3.11 -26.30 8.86
C ARG A 743 -4.33 -25.41 9.02
N ILE A 744 -4.68 -24.65 7.97
CA ILE A 744 -5.80 -23.73 8.07
C ILE A 744 -7.09 -24.49 8.32
N LEU A 745 -7.31 -25.57 7.56
CA LEU A 745 -8.54 -26.34 7.72
C LEU A 745 -8.57 -27.05 9.06
N LYS A 746 -7.43 -27.57 9.52
CA LYS A 746 -7.39 -28.19 10.84
C LYS A 746 -7.74 -27.17 11.91
N PHE A 747 -7.23 -25.95 11.78
CA PHE A 747 -7.54 -24.90 12.75
C PHE A 747 -9.00 -24.49 12.68
N SER A 748 -9.61 -24.57 11.49
CA SER A 748 -10.99 -24.15 11.31
C SER A 748 -12.00 -25.25 11.56
N ALA A 749 -11.56 -26.43 12.00
CA ALA A 749 -12.47 -27.55 12.18
C ALA A 749 -13.66 -27.25 13.09
N PRO A 750 -13.51 -26.54 14.21
CA PRO A 750 -14.63 -26.41 15.16
C PRO A 750 -15.90 -25.88 14.54
N GLU A 751 -15.83 -25.12 13.44
CA GLU A 751 -17.02 -24.59 12.78
C GLU A 751 -17.36 -25.38 11.52
N TRP A 752 -17.18 -26.69 11.54
CA TRP A 752 -17.46 -27.51 10.36
C TRP A 752 -18.91 -27.48 9.90
N PRO A 753 -19.92 -27.55 10.76
CA PRO A 753 -21.30 -27.65 10.23
C PRO A 753 -21.68 -26.49 9.33
N TYR A 754 -21.26 -25.27 9.67
CA TYR A 754 -21.56 -24.12 8.82
C TYR A 754 -20.91 -24.28 7.45
N MET A 755 -19.66 -24.74 7.43
CA MET A 755 -18.98 -24.96 6.16
C MET A 755 -19.70 -26.03 5.35
N LEU A 756 -20.19 -27.08 6.01
CA LEU A 756 -20.91 -28.13 5.29
C LEU A 756 -22.21 -27.61 4.69
N VAL A 757 -22.95 -26.80 5.46
CA VAL A 757 -24.19 -26.24 4.94
C VAL A 757 -23.89 -25.34 3.75
N GLY A 758 -22.86 -24.49 3.88
CA GLY A 758 -22.47 -23.65 2.75
C GLY A 758 -22.05 -24.46 1.55
N SER A 759 -21.39 -25.58 1.77
CA SER A 759 -20.98 -26.45 0.67
C SER A 759 -22.18 -27.03 -0.04
N VAL A 760 -23.20 -27.45 0.71
CA VAL A 760 -24.42 -27.96 0.08
C VAL A 760 -25.08 -26.86 -0.75
N GLY A 761 -25.19 -25.67 -0.18
CA GLY A 761 -25.77 -24.56 -0.92
C GLY A 761 -25.01 -24.27 -2.20
N ALA A 762 -23.67 -24.28 -2.12
CA ALA A 762 -22.85 -24.01 -3.29
C ALA A 762 -22.98 -25.12 -4.33
N ALA A 763 -23.12 -26.36 -3.89
CA ALA A 763 -23.30 -27.46 -4.83
C ALA A 763 -24.60 -27.28 -5.62
N VAL A 764 -25.68 -26.94 -4.93
CA VAL A 764 -26.94 -26.72 -5.63
C VAL A 764 -26.83 -25.53 -6.57
N ASN A 765 -26.21 -24.45 -6.10
CA ASN A 765 -26.03 -23.27 -6.94
C ASN A 765 -25.23 -23.59 -8.19
N GLY A 766 -24.18 -24.40 -8.08
CA GLY A 766 -23.46 -24.82 -9.26
C GLY A 766 -24.30 -25.68 -10.19
N THR A 767 -25.11 -26.57 -9.61
CA THR A 767 -26.01 -27.38 -10.43
C THR A 767 -26.96 -26.50 -11.24
N VAL A 768 -27.31 -25.33 -10.72
CA VAL A 768 -28.33 -24.50 -11.37
C VAL A 768 -28.00 -24.21 -12.83
N THR A 769 -26.76 -23.81 -13.13
CA THR A 769 -26.46 -23.28 -14.46
C THR A 769 -26.73 -24.28 -15.58
N PRO A 770 -26.05 -25.43 -15.63
CA PRO A 770 -26.32 -26.37 -16.72
C PRO A 770 -27.77 -26.81 -16.78
N LEU A 771 -28.49 -26.78 -15.65
CA LEU A 771 -29.91 -27.09 -15.69
C LEU A 771 -30.68 -26.07 -16.51
N TYR A 772 -30.35 -24.78 -16.38
CA TYR A 772 -31.07 -23.79 -17.18
C TYR A 772 -30.63 -23.86 -18.63
N ALA A 773 -29.38 -24.21 -18.90
CA ALA A 773 -29.00 -24.47 -20.29
C ALA A 773 -29.81 -25.63 -20.86
N PHE A 774 -30.01 -26.67 -20.07
CA PHE A 774 -30.82 -27.81 -20.46
C PHE A 774 -32.25 -27.37 -20.75
N LEU A 775 -32.80 -26.52 -19.89
CA LEU A 775 -34.18 -26.06 -20.10
C LEU A 775 -34.30 -25.21 -21.35
N PHE A 776 -33.28 -24.39 -21.65
CA PHE A 776 -33.29 -23.64 -22.90
C PHE A 776 -33.33 -24.59 -24.09
N SER A 777 -32.42 -25.58 -24.11
CA SER A 777 -32.43 -26.53 -25.21
C SER A 777 -33.74 -27.28 -25.30
N GLN A 778 -34.36 -27.57 -24.15
CA GLN A 778 -35.68 -28.20 -24.14
C GLN A 778 -36.72 -27.30 -24.80
N ILE A 779 -36.68 -26.01 -24.49
CA ILE A 779 -37.61 -25.07 -25.11
C ILE A 779 -37.46 -25.11 -26.63
N LEU A 780 -36.23 -25.06 -27.11
CA LEU A 780 -36.02 -25.06 -28.55
C LEU A 780 -36.65 -26.29 -29.20
N GLY A 781 -36.61 -27.44 -28.53
CA GLY A 781 -37.14 -28.66 -29.10
C GLY A 781 -38.63 -28.64 -29.31
N THR A 782 -39.40 -28.04 -28.39
CA THR A 782 -40.85 -28.14 -28.45
C THR A 782 -41.44 -27.46 -29.67
N PHE A 783 -40.70 -26.57 -30.33
CA PHE A 783 -41.26 -25.86 -31.48
C PHE A 783 -41.43 -26.75 -32.69
N SER A 784 -40.91 -27.97 -32.67
CA SER A 784 -41.12 -28.92 -33.76
C SER A 784 -42.26 -29.89 -33.50
N ILE A 785 -42.97 -29.75 -32.39
CA ILE A 785 -44.08 -30.65 -32.08
C ILE A 785 -45.25 -30.31 -32.99
N PRO A 786 -45.85 -31.29 -33.70
CA PRO A 786 -46.95 -30.96 -34.60
C PRO A 786 -48.23 -30.55 -33.88
N ASP A 787 -48.53 -31.19 -32.75
CA ASP A 787 -49.75 -30.90 -32.00
C ASP A 787 -49.57 -29.60 -31.24
N LYS A 788 -50.30 -28.57 -31.63
CA LYS A 788 -50.11 -27.25 -31.03
C LYS A 788 -50.45 -27.25 -29.54
N GLU A 789 -51.52 -27.93 -29.14
CA GLU A 789 -51.88 -27.95 -27.73
C GLU A 789 -50.82 -28.62 -26.86
N GLU A 790 -50.26 -29.73 -27.34
CA GLU A 790 -49.16 -30.37 -26.61
C GLU A 790 -47.96 -29.43 -26.53
N GLN A 791 -47.69 -28.69 -27.60
CA GLN A 791 -46.61 -27.72 -27.58
C GLN A 791 -46.84 -26.68 -26.50
N ARG A 792 -48.07 -26.16 -26.42
CA ARG A 792 -48.39 -25.16 -25.40
C ARG A 792 -48.20 -25.74 -24.01
N SER A 793 -48.68 -26.97 -23.80
CA SER A 793 -48.57 -27.58 -22.48
C SER A 793 -47.11 -27.74 -22.09
N GLN A 794 -46.27 -28.22 -23.00
CA GLN A 794 -44.87 -28.44 -22.68
C GLN A 794 -44.16 -27.11 -22.40
N ILE A 795 -44.45 -26.08 -23.19
CA ILE A 795 -43.81 -24.79 -22.95
C ILE A 795 -44.23 -24.22 -21.60
N ASN A 796 -45.51 -24.37 -21.25
CA ASN A 796 -45.95 -23.92 -19.93
C ASN A 796 -45.24 -24.68 -18.83
N GLY A 797 -45.08 -25.99 -18.99
CA GLY A 797 -44.35 -26.77 -18.00
C GLY A 797 -42.93 -26.28 -17.83
N VAL A 798 -42.26 -25.98 -18.93
CA VAL A 798 -40.87 -25.51 -18.84
C VAL A 798 -40.82 -24.15 -18.16
N CYS A 799 -41.80 -23.28 -18.43
CA CYS A 799 -41.83 -21.99 -17.74
C CYS A 799 -42.00 -22.18 -16.25
N LEU A 800 -42.89 -23.09 -15.84
CA LEU A 800 -43.07 -23.36 -14.42
C LEU A 800 -41.78 -23.89 -13.81
N LEU A 801 -41.05 -24.75 -14.53
CA LEU A 801 -39.77 -25.22 -14.05
C LEU A 801 -38.79 -24.07 -13.89
N PHE A 802 -38.81 -23.11 -14.81
CA PHE A 802 -37.96 -21.94 -14.66
C PHE A 802 -38.29 -21.19 -13.37
N VAL A 803 -39.57 -21.00 -13.09
CA VAL A 803 -39.96 -20.28 -11.88
C VAL A 803 -39.47 -21.03 -10.63
N ALA A 804 -39.69 -22.35 -10.61
CA ALA A 804 -39.25 -23.14 -9.47
C ALA A 804 -37.74 -23.05 -9.28
N MET A 805 -36.99 -23.12 -10.39
CA MET A 805 -35.55 -22.97 -10.30
C MET A 805 -35.16 -21.61 -9.77
N GLY A 806 -35.89 -20.56 -10.15
CA GLY A 806 -35.60 -19.25 -9.60
C GLY A 806 -35.75 -19.21 -8.09
N CYS A 807 -36.86 -19.79 -7.59
CA CYS A 807 -37.07 -19.80 -6.14
C CYS A 807 -35.97 -20.61 -5.44
N VAL A 808 -35.64 -21.78 -5.99
CA VAL A 808 -34.61 -22.61 -5.38
C VAL A 808 -33.28 -21.87 -5.37
N SER A 809 -32.94 -21.19 -6.46
CA SER A 809 -31.71 -20.42 -6.52
C SER A 809 -31.70 -19.34 -5.45
N LEU A 810 -32.80 -18.61 -5.31
CA LEU A 810 -32.89 -17.62 -4.24
C LEU A 810 -32.50 -18.22 -2.91
N PHE A 811 -33.24 -19.26 -2.50
CA PHE A 811 -33.04 -19.79 -1.16
C PHE A 811 -31.63 -20.35 -0.97
N THR A 812 -31.15 -21.12 -1.95
CA THR A 812 -29.82 -21.73 -1.81
C THR A 812 -28.73 -20.68 -1.80
N GLN A 813 -28.83 -19.66 -2.64
CA GLN A 813 -27.81 -18.60 -2.63
C GLN A 813 -27.78 -17.88 -1.29
N PHE A 814 -28.96 -17.54 -0.75
CA PHE A 814 -28.99 -16.89 0.55
C PHE A 814 -28.38 -17.77 1.63
N LEU A 815 -28.73 -19.06 1.62
CA LEU A 815 -28.20 -19.98 2.63
C LEU A 815 -26.68 -20.08 2.52
N GLN A 816 -26.16 -20.23 1.30
CA GLN A 816 -24.72 -20.31 1.12
C GLN A 816 -24.03 -19.07 1.66
N GLY A 817 -24.53 -17.90 1.27
CA GLY A 817 -23.90 -16.67 1.71
C GLY A 817 -23.87 -16.56 3.23
N TYR A 818 -25.01 -16.81 3.87
CA TYR A 818 -25.07 -16.69 5.32
C TYR A 818 -24.14 -17.68 5.99
N ALA A 819 -24.18 -18.94 5.57
CA ALA A 819 -23.38 -19.96 6.23
C ALA A 819 -21.89 -19.66 6.10
N PHE A 820 -21.43 -19.30 4.89
CA PHE A 820 -20.01 -19.04 4.73
C PHE A 820 -19.59 -17.78 5.45
N ALA A 821 -20.44 -16.75 5.49
CA ALA A 821 -20.10 -15.56 6.26
C ALA A 821 -19.95 -15.90 7.74
N LYS A 822 -20.86 -16.71 8.28
CA LYS A 822 -20.75 -17.09 9.68
C LYS A 822 -19.49 -17.88 9.96
N SER A 823 -19.15 -18.83 9.07
CA SER A 823 -17.93 -19.59 9.25
C SER A 823 -16.71 -18.67 9.26
N GLY A 824 -16.64 -17.75 8.30
CA GLY A 824 -15.51 -16.84 8.25
C GLY A 824 -15.41 -15.97 9.48
N GLU A 825 -16.54 -15.44 9.95
CA GLU A 825 -16.50 -14.57 11.12
C GLU A 825 -16.09 -15.33 12.37
N LEU A 826 -16.60 -16.56 12.55
CA LEU A 826 -16.19 -17.35 13.71
C LEU A 826 -14.70 -17.64 13.64
N LEU A 827 -14.18 -18.01 12.47
CA LEU A 827 -12.76 -18.26 12.34
C LEU A 827 -11.96 -17.00 12.68
N THR A 828 -12.41 -15.85 12.19
CA THR A 828 -11.68 -14.61 12.46
C THR A 828 -11.66 -14.29 13.94
N LYS A 829 -12.80 -14.46 14.62
CA LYS A 829 -12.84 -14.19 16.05
C LYS A 829 -11.92 -15.12 16.81
N ARG A 830 -11.96 -16.42 16.50
CA ARG A 830 -11.08 -17.36 17.18
C ARG A 830 -9.62 -17.01 16.96
N LEU A 831 -9.27 -16.69 15.70
CA LEU A 831 -7.88 -16.39 15.39
C LEU A 831 -7.42 -15.13 16.09
N ARG A 832 -8.26 -14.09 16.12
CA ARG A 832 -7.89 -12.86 16.81
C ARG A 832 -7.70 -13.11 18.30
N LYS A 833 -8.63 -13.85 18.91
CA LYS A 833 -8.51 -14.15 20.33
C LYS A 833 -7.19 -14.84 20.63
N PHE A 834 -6.90 -15.93 19.90
CA PHE A 834 -5.67 -16.66 20.17
C PHE A 834 -4.43 -15.83 19.86
N GLY A 835 -4.45 -15.06 18.78
CA GLY A 835 -3.31 -14.24 18.43
C GLY A 835 -2.99 -13.20 19.47
N PHE A 836 -4.00 -12.48 19.95
CA PHE A 836 -3.76 -11.51 21.00
C PHE A 836 -3.33 -12.18 22.29
N ARG A 837 -3.96 -13.31 22.63
CA ARG A 837 -3.61 -13.99 23.87
C ARG A 837 -2.15 -14.45 23.84
N ALA A 838 -1.68 -14.93 22.70
CA ALA A 838 -0.29 -15.35 22.59
C ALA A 838 0.66 -14.18 22.47
N MET A 839 0.21 -13.06 21.89
CA MET A 839 1.09 -11.92 21.71
C MET A 839 1.55 -11.35 23.05
N LEU A 840 0.74 -11.55 24.10
CA LEU A 840 1.11 -11.08 25.43
C LEU A 840 2.05 -12.03 26.15
N GLY A 841 2.33 -13.20 25.58
CA GLY A 841 3.22 -14.16 26.22
C GLY A 841 4.65 -14.06 25.73
N GLN A 842 4.88 -13.28 24.67
CA GLN A 842 6.22 -13.17 24.12
C GLN A 842 7.11 -12.34 25.04
N ASP A 843 8.41 -12.65 25.01
CA ASP A 843 9.37 -11.90 25.78
C ASP A 843 9.44 -10.47 25.28
N ILE A 844 9.85 -9.55 26.17
CA ILE A 844 9.86 -8.14 25.83
C ILE A 844 10.72 -7.90 24.59
N ALA A 845 11.86 -8.59 24.49
CA ALA A 845 12.73 -8.41 23.34
C ALA A 845 12.00 -8.63 22.04
N TRP A 846 11.00 -9.53 22.04
CA TRP A 846 10.23 -9.77 20.84
C TRP A 846 9.51 -8.51 20.37
N PHE A 847 9.12 -7.64 21.31
CA PHE A 847 8.46 -6.39 20.95
C PHE A 847 9.42 -5.34 20.42
N ASP A 848 10.67 -5.40 20.86
CA ASP A 848 11.69 -4.39 20.46
C ASP A 848 11.95 -4.47 18.96
N ASP A 849 11.88 -5.66 18.36
CA ASP A 849 12.20 -5.83 16.95
C ASP A 849 11.36 -4.87 16.12
N LEU A 850 12.01 -4.16 15.19
CA LEU A 850 11.28 -3.26 14.32
C LEU A 850 10.25 -4.01 13.48
N ARG A 851 10.51 -5.28 13.19
CA ARG A 851 9.52 -6.10 12.51
C ARG A 851 8.24 -6.25 13.33
N ASN A 852 8.31 -6.00 14.64
CA ASN A 852 7.17 -6.12 15.53
C ASN A 852 6.80 -4.78 16.14
N SER A 853 6.79 -3.74 15.33
CA SER A 853 6.41 -2.41 15.80
C SER A 853 4.96 -2.44 16.25
N PRO A 854 4.57 -1.66 17.26
CA PRO A 854 3.17 -1.68 17.70
C PRO A 854 2.19 -1.42 16.58
N GLY A 855 2.50 -0.50 15.67
CA GLY A 855 1.65 -0.32 14.50
C GLY A 855 1.59 -1.57 13.65
N ALA A 856 2.74 -2.21 13.41
CA ALA A 856 2.75 -3.45 12.64
C ALA A 856 1.96 -4.54 13.35
N LEU A 857 2.12 -4.67 14.66
CA LEU A 857 1.38 -5.69 15.39
C LEU A 857 -0.12 -5.43 15.31
N THR A 858 -0.54 -4.18 15.46
CA THR A 858 -1.96 -3.86 15.36
C THR A 858 -2.48 -4.16 13.96
N THR A 859 -1.71 -3.84 12.93
CA THR A 859 -2.14 -4.14 11.56
C THR A 859 -2.27 -5.64 11.36
N ARG A 860 -1.30 -6.42 11.86
CA ARG A 860 -1.40 -7.87 11.75
C ARG A 860 -2.63 -8.39 12.47
N LEU A 861 -2.92 -7.85 13.65
CA LEU A 861 -4.04 -8.34 14.44
C LEU A 861 -5.38 -7.99 13.77
N ALA A 862 -5.44 -6.82 13.13
CA ALA A 862 -6.71 -6.36 12.58
C ALA A 862 -6.96 -6.91 11.18
N THR A 863 -6.02 -6.67 10.26
CA THR A 863 -6.24 -7.04 8.87
C THR A 863 -5.96 -8.52 8.62
N ASP A 864 -4.72 -8.95 8.87
CA ASP A 864 -4.34 -10.32 8.54
C ASP A 864 -5.27 -11.33 9.20
N ALA A 865 -5.71 -11.05 10.43
CA ALA A 865 -6.65 -11.97 11.09
C ALA A 865 -7.94 -12.09 10.31
N SER A 866 -8.28 -11.08 9.50
CA SER A 866 -9.51 -11.11 8.73
C SER A 866 -9.32 -11.80 7.38
N GLN A 867 -8.15 -11.63 6.77
CA GLN A 867 -7.92 -12.18 5.44
C GLN A 867 -7.84 -13.70 5.45
N VAL A 868 -7.53 -14.30 6.61
CA VAL A 868 -7.34 -15.75 6.65
C VAL A 868 -8.61 -16.48 6.26
N GLN A 869 -9.78 -15.88 6.49
CA GLN A 869 -11.03 -16.55 6.16
C GLN A 869 -11.16 -16.80 4.66
N GLY A 870 -10.46 -16.03 3.83
CA GLY A 870 -10.57 -16.19 2.39
C GLY A 870 -10.00 -17.49 1.86
N ALA A 871 -9.25 -18.23 2.68
CA ALA A 871 -8.65 -19.48 2.27
C ALA A 871 -9.34 -20.70 2.86
N ALA A 872 -10.32 -20.51 3.74
CA ALA A 872 -11.03 -21.63 4.34
C ALA A 872 -12.50 -21.63 3.95
N GLY A 873 -13.18 -20.51 4.21
CA GLY A 873 -14.61 -20.46 3.98
C GLY A 873 -15.01 -20.43 2.52
N SER A 874 -14.72 -19.33 1.83
CA SER A 874 -15.25 -19.15 0.49
C SER A 874 -14.57 -20.06 -0.52
N GLN A 875 -13.31 -20.41 -0.29
CA GLN A 875 -12.60 -21.23 -1.26
C GLN A 875 -13.27 -22.59 -1.41
N ILE A 876 -13.65 -23.22 -0.31
CA ILE A 876 -14.31 -24.52 -0.39
C ILE A 876 -15.61 -24.40 -1.16
N GLY A 877 -16.40 -23.37 -0.86
CA GLY A 877 -17.66 -23.19 -1.57
C GLY A 877 -17.46 -23.02 -3.06
N MET A 878 -16.49 -22.18 -3.45
CA MET A 878 -16.24 -21.96 -4.87
C MET A 878 -15.78 -23.24 -5.55
N ILE A 879 -14.89 -23.99 -4.89
CA ILE A 879 -14.41 -25.24 -5.48
C ILE A 879 -15.56 -26.20 -5.69
N VAL A 880 -16.40 -26.37 -4.68
CA VAL A 880 -17.53 -27.30 -4.79
C VAL A 880 -18.48 -26.84 -5.88
N ASN A 881 -18.76 -25.55 -5.93
CA ASN A 881 -19.65 -25.01 -6.96
C ASN A 881 -19.14 -25.34 -8.35
N SER A 882 -17.86 -25.03 -8.62
CA SER A 882 -17.31 -25.30 -9.94
C SER A 882 -17.31 -26.79 -10.25
N PHE A 883 -16.95 -27.62 -9.26
CA PHE A 883 -16.90 -29.06 -9.51
C PHE A 883 -18.26 -29.61 -9.85
N THR A 884 -19.29 -29.23 -9.10
CA THR A 884 -20.64 -29.72 -9.39
C THR A 884 -21.11 -29.22 -10.75
N ASN A 885 -20.87 -27.95 -11.06
CA ASN A 885 -21.23 -27.44 -12.37
C ASN A 885 -20.63 -28.29 -13.47
N VAL A 886 -19.32 -28.51 -13.39
CA VAL A 886 -18.61 -29.24 -14.45
C VAL A 886 -19.14 -30.66 -14.55
N THR A 887 -19.29 -31.34 -13.42
CA THR A 887 -19.69 -32.74 -13.46
C THR A 887 -21.10 -32.91 -14.03
N VAL A 888 -22.03 -32.04 -13.62
CA VAL A 888 -23.38 -32.15 -14.16
C VAL A 888 -23.38 -31.87 -15.65
N ALA A 889 -22.62 -30.85 -16.09
CA ALA A 889 -22.59 -30.55 -17.51
C ALA A 889 -22.03 -31.71 -18.32
N MET A 890 -20.95 -32.32 -17.83
CA MET A 890 -20.38 -33.46 -18.56
C MET A 890 -21.35 -34.64 -18.58
N ILE A 891 -22.04 -34.88 -17.47
CA ILE A 891 -23.03 -35.96 -17.43
C ILE A 891 -24.07 -35.73 -18.52
N ILE A 892 -24.63 -34.52 -18.58
CA ILE A 892 -25.66 -34.24 -19.58
C ILE A 892 -25.11 -34.43 -20.98
N ALA A 893 -23.94 -33.85 -21.25
CA ALA A 893 -23.38 -33.89 -22.60
C ALA A 893 -23.15 -35.31 -23.05
N PHE A 894 -22.45 -36.11 -22.23
CA PHE A 894 -22.15 -37.47 -22.63
C PHE A 894 -23.38 -38.35 -22.65
N SER A 895 -24.37 -38.10 -21.79
CA SER A 895 -25.60 -38.88 -21.82
C SER A 895 -26.35 -38.66 -23.13
N PHE A 896 -26.40 -37.43 -23.61
CA PHE A 896 -27.21 -37.15 -24.79
C PHE A 896 -26.46 -37.42 -26.09
N SER A 897 -25.17 -37.15 -26.15
CA SER A 897 -24.41 -37.47 -27.35
C SER A 897 -22.92 -37.44 -27.02
N TRP A 898 -22.26 -38.59 -27.12
CA TRP A 898 -20.85 -38.66 -26.76
C TRP A 898 -19.96 -38.33 -27.96
N LYS A 899 -20.45 -38.58 -29.18
CA LYS A 899 -19.63 -38.30 -30.35
C LYS A 899 -19.48 -36.80 -30.59
N LEU A 900 -20.54 -36.03 -30.34
CA LEU A 900 -20.44 -34.58 -30.47
C LEU A 900 -19.72 -33.97 -29.28
N SER A 901 -19.91 -34.54 -28.09
CA SER A 901 -19.24 -34.01 -26.90
C SER A 901 -17.73 -34.02 -27.08
N LEU A 902 -17.19 -35.13 -27.57
CA LEU A 902 -15.75 -35.20 -27.82
C LEU A 902 -15.29 -34.13 -28.77
N VAL A 903 -16.09 -33.80 -29.78
CA VAL A 903 -15.70 -32.74 -30.71
C VAL A 903 -15.68 -31.40 -30.00
N ILE A 904 -16.77 -31.04 -29.33
CA ILE A 904 -16.79 -29.76 -28.63
C ILE A 904 -15.79 -29.76 -27.48
N LEU A 905 -15.50 -30.94 -26.90
CA LEU A 905 -14.61 -31.00 -25.76
C LEU A 905 -13.18 -30.62 -26.12
N CYS A 906 -12.81 -30.71 -27.40
CA CYS A 906 -11.46 -30.33 -27.80
C CYS A 906 -11.16 -28.88 -27.48
N PHE A 907 -12.15 -28.01 -27.59
CA PHE A 907 -11.99 -26.59 -27.30
C PHE A 907 -12.20 -26.27 -25.83
N PHE A 908 -12.56 -27.26 -25.01
CA PHE A 908 -12.80 -27.00 -23.59
C PHE A 908 -11.58 -26.43 -22.89
N PRO A 909 -10.37 -26.99 -23.04
CA PRO A 909 -9.22 -26.42 -22.32
C PRO A 909 -8.99 -24.96 -22.64
N PHE A 910 -9.08 -24.56 -23.91
CA PHE A 910 -8.80 -23.18 -24.28
C PHE A 910 -9.79 -22.23 -23.65
N LEU A 911 -11.07 -22.58 -23.68
CA LEU A 911 -12.09 -21.72 -23.07
C LEU A 911 -11.84 -21.57 -21.58
N ALA A 912 -11.49 -22.65 -20.89
CA ALA A 912 -11.24 -22.58 -19.46
C ALA A 912 -10.02 -21.72 -19.15
N LEU A 913 -8.94 -21.88 -19.91
CA LEU A 913 -7.68 -21.23 -19.59
C LEU A 913 -7.59 -19.81 -20.11
N SER A 914 -8.51 -19.38 -20.98
CA SER A 914 -8.45 -18.02 -21.52
C SER A 914 -8.29 -16.98 -20.42
N GLY A 915 -9.26 -16.92 -19.51
CA GLY A 915 -9.26 -15.85 -18.52
C GLY A 915 -8.08 -15.91 -17.58
N ALA A 916 -7.73 -17.11 -17.10
CA ALA A 916 -6.60 -17.25 -16.19
C ALA A 916 -5.31 -16.78 -16.87
N THR A 917 -5.09 -17.21 -18.11
CA THR A 917 -3.90 -16.77 -18.82
C THR A 917 -3.91 -15.26 -19.01
N GLN A 918 -5.05 -14.69 -19.36
CA GLN A 918 -5.13 -13.24 -19.52
C GLN A 918 -4.70 -12.54 -18.24
N THR A 919 -5.30 -12.92 -17.12
CA THR A 919 -5.04 -12.22 -15.86
C THR A 919 -3.59 -12.36 -15.45
N ARG A 920 -3.04 -13.58 -15.53
CA ARG A 920 -1.67 -13.79 -15.08
C ARG A 920 -0.66 -13.14 -16.01
N MET A 921 -0.90 -13.15 -17.32
CA MET A 921 -0.03 -12.40 -18.22
C MET A 921 -0.07 -10.91 -17.92
N LEU A 922 -1.26 -10.39 -17.65
CA LEU A 922 -1.39 -8.96 -17.34
C LEU A 922 -0.59 -8.61 -16.09
N THR A 923 -0.75 -9.39 -15.02
CA THR A 923 -0.03 -9.06 -13.78
C THR A 923 1.48 -9.22 -13.97
N GLY A 924 1.92 -10.24 -14.71
CA GLY A 924 3.34 -10.37 -14.98
C GLY A 924 3.88 -9.18 -15.74
N PHE A 925 3.15 -8.72 -16.75
CA PHE A 925 3.59 -7.56 -17.52
C PHE A 925 3.65 -6.32 -16.65
N ALA A 926 2.66 -6.14 -15.78
CA ALA A 926 2.70 -4.98 -14.88
C ALA A 926 3.90 -5.04 -13.95
N SER A 927 4.20 -6.21 -13.40
CA SER A 927 5.36 -6.34 -12.54
C SER A 927 6.64 -6.02 -13.29
N ARG A 928 6.78 -6.53 -14.52
CA ARG A 928 7.98 -6.24 -15.29
C ARG A 928 8.08 -4.74 -15.61
N ASP A 929 6.95 -4.10 -15.92
CA ASP A 929 6.97 -2.67 -16.21
C ASP A 929 7.40 -1.88 -14.99
N LYS A 930 6.92 -2.25 -13.81
CA LYS A 930 7.36 -1.58 -12.59
C LYS A 930 8.85 -1.77 -12.35
N GLN A 931 9.34 -3.00 -12.57
CA GLN A 931 10.76 -3.24 -12.44
C GLN A 931 11.56 -2.35 -13.38
N ALA A 932 11.09 -2.19 -14.61
CA ALA A 932 11.75 -1.27 -15.54
C ALA A 932 11.71 0.16 -15.04
N LEU A 933 10.56 0.60 -14.51
CA LEU A 933 10.45 1.96 -13.99
C LEU A 933 11.35 2.21 -12.80
N GLU A 934 11.81 1.15 -12.14
CA GLU A 934 12.70 1.34 -10.98
C GLU A 934 13.92 2.19 -11.33
N MET A 935 14.46 2.05 -12.53
CA MET A 935 15.67 2.81 -12.88
C MET A 935 15.37 4.29 -13.06
N VAL A 936 14.26 4.61 -13.71
CA VAL A 936 13.83 6.00 -13.81
C VAL A 936 13.58 6.56 -12.42
N GLY A 937 12.98 5.76 -11.54
CA GLY A 937 12.82 6.20 -10.16
C GLY A 937 14.14 6.52 -9.51
N GLN A 938 15.13 5.65 -9.70
CA GLN A 938 16.46 5.89 -9.14
C GLN A 938 17.03 7.22 -9.63
N ILE A 939 17.04 7.44 -10.95
CA ILE A 939 17.68 8.63 -11.49
C ILE A 939 16.93 9.89 -11.04
N THR A 940 15.59 9.85 -11.11
CA THR A 940 14.82 11.04 -10.75
C THR A 940 14.95 11.34 -9.26
N ASN A 941 14.98 10.32 -8.41
CA ASN A 941 15.18 10.56 -6.99
C ASN A 941 16.56 11.11 -6.72
N GLU A 942 17.59 10.61 -7.41
CA GLU A 942 18.91 11.18 -7.26
C GLU A 942 18.94 12.64 -7.65
N ALA A 943 18.23 13.00 -8.72
CA ALA A 943 18.22 14.39 -9.16
C ALA A 943 17.47 15.29 -8.17
N LEU A 944 16.28 14.88 -7.75
CA LEU A 944 15.43 15.76 -6.94
C LEU A 944 15.87 15.81 -5.48
N SER A 945 16.36 14.70 -4.93
CA SER A 945 16.66 14.66 -3.50
C SER A 945 17.68 15.72 -3.11
N ASN A 946 18.54 16.13 -4.03
CA ASN A 946 19.56 17.12 -3.75
C ASN A 946 19.55 18.18 -4.85
N ILE A 947 18.35 18.69 -5.15
CA ILE A 947 18.20 19.67 -6.23
C ILE A 947 19.10 20.87 -6.01
N ARG A 948 19.40 21.20 -4.75
CA ARG A 948 20.21 22.39 -4.49
C ARG A 948 21.60 22.24 -5.09
N THR A 949 22.23 21.08 -4.91
CA THR A 949 23.55 20.87 -5.49
C THR A 949 23.49 20.92 -7.01
N VAL A 950 22.46 20.32 -7.61
CA VAL A 950 22.34 20.32 -9.05
C VAL A 950 22.22 21.75 -9.58
N ALA A 951 21.38 22.56 -8.94
CA ALA A 951 21.11 23.90 -9.44
C ALA A 951 22.25 24.87 -9.17
N GLY A 952 22.93 24.72 -8.03
CA GLY A 952 23.89 25.72 -7.61
C GLY A 952 25.26 25.57 -8.22
N ILE A 953 25.74 24.33 -8.34
CA ILE A 953 27.11 24.09 -8.77
C ILE A 953 27.10 23.19 -10.01
N GLY A 954 26.35 22.11 -9.96
CA GLY A 954 26.30 21.17 -11.06
C GLY A 954 25.57 21.73 -12.27
N LYS A 955 25.20 20.82 -13.16
CA LYS A 955 24.51 21.14 -14.40
C LYS A 955 23.12 20.53 -14.37
N GLU A 956 22.10 21.34 -14.65
CA GLU A 956 20.73 20.84 -14.65
C GLU A 956 20.42 20.04 -15.91
N ARG A 957 20.96 20.47 -17.06
CA ARG A 957 20.56 19.86 -18.32
C ARG A 957 20.98 18.40 -18.42
N ARG A 958 22.08 18.02 -17.78
CA ARG A 958 22.56 16.64 -17.92
C ARG A 958 21.52 15.65 -17.41
N PHE A 959 20.91 15.94 -16.27
CA PHE A 959 19.94 15.00 -15.71
C PHE A 959 18.71 14.87 -16.58
N ILE A 960 18.25 15.96 -17.18
CA ILE A 960 17.09 15.88 -18.07
C ILE A 960 17.39 14.95 -19.24
N GLU A 961 18.56 15.11 -19.86
CA GLU A 961 18.92 14.25 -20.98
C GLU A 961 19.13 12.81 -20.54
N ALA A 962 19.70 12.60 -19.36
CA ALA A 962 19.88 11.25 -18.86
C ALA A 962 18.55 10.55 -18.64
N LEU A 963 17.58 11.27 -18.07
CA LEU A 963 16.25 10.69 -17.90
C LEU A 963 15.58 10.43 -19.24
N GLU A 964 15.76 11.34 -20.19
CA GLU A 964 15.21 11.13 -21.53
C GLU A 964 15.77 9.85 -22.14
N THR A 965 17.08 9.64 -22.01
CA THR A 965 17.69 8.41 -22.51
C THR A 965 17.15 7.19 -21.76
N GLU A 966 16.99 7.30 -20.44
CA GLU A 966 16.53 6.17 -19.65
C GLU A 966 15.10 5.78 -20.00
N LEU A 967 14.28 6.75 -20.39
CA LEU A 967 12.87 6.45 -20.67
C LEU A 967 12.67 5.53 -21.85
N GLU A 968 13.73 5.13 -22.56
CA GLU A 968 13.54 4.22 -23.69
C GLU A 968 13.08 2.84 -23.24
N LYS A 969 13.63 2.34 -22.14
CA LYS A 969 13.34 0.96 -21.74
C LYS A 969 11.86 0.73 -21.48
N PRO A 970 11.17 1.56 -20.69
CA PRO A 970 9.73 1.33 -20.49
C PRO A 970 8.95 1.29 -21.80
N PHE A 971 9.30 2.17 -22.75
CA PHE A 971 8.63 2.15 -24.04
C PHE A 971 8.91 0.84 -24.78
N LYS A 972 10.15 0.37 -24.72
CA LYS A 972 10.49 -0.90 -25.37
C LYS A 972 9.66 -2.04 -24.79
N THR A 973 9.52 -2.08 -23.46
CA THR A 973 8.68 -3.11 -22.86
C THR A 973 7.22 -2.92 -23.25
N ALA A 974 6.77 -1.67 -23.36
CA ALA A 974 5.37 -1.41 -23.68
C ALA A 974 5.03 -1.90 -25.08
N ILE A 975 5.94 -1.78 -26.04
CA ILE A 975 5.65 -2.25 -27.39
C ILE A 975 5.41 -3.75 -27.40
N GLN A 976 6.30 -4.50 -26.74
CA GLN A 976 6.13 -5.95 -26.72
C GLN A 976 4.91 -6.35 -25.90
N LYS A 977 4.60 -5.60 -24.84
CA LYS A 977 3.35 -5.85 -24.14
C LYS A 977 2.16 -5.66 -25.08
N ALA A 978 2.18 -4.59 -25.87
CA ALA A 978 1.11 -4.37 -26.82
C ALA A 978 0.96 -5.58 -27.74
N ASN A 979 2.05 -6.02 -28.35
CA ASN A 979 1.96 -7.15 -29.28
C ASN A 979 1.39 -8.38 -28.59
N ILE A 980 2.00 -8.77 -27.46
CA ILE A 980 1.63 -10.03 -26.83
C ILE A 980 0.22 -9.98 -26.28
N TYR A 981 -0.13 -8.90 -25.59
CA TYR A 981 -1.47 -8.78 -25.01
C TYR A 981 -2.52 -8.70 -26.11
N GLY A 982 -2.23 -7.99 -27.20
CA GLY A 982 -3.19 -7.97 -28.30
C GLY A 982 -3.44 -9.33 -28.87
N PHE A 983 -2.37 -10.11 -29.11
CA PHE A 983 -2.57 -11.45 -29.64
C PHE A 983 -3.36 -12.31 -28.66
N CYS A 984 -2.99 -12.26 -27.38
CA CYS A 984 -3.64 -13.12 -26.40
C CYS A 984 -5.10 -12.76 -26.21
N PHE A 985 -5.44 -11.49 -26.33
CA PHE A 985 -6.83 -11.07 -26.21
C PHE A 985 -7.62 -11.45 -27.46
N ALA A 986 -7.05 -11.21 -28.64
CA ALA A 986 -7.76 -11.51 -29.87
C ALA A 986 -8.02 -13.00 -30.00
N PHE A 987 -7.03 -13.84 -29.70
CA PHE A 987 -7.23 -15.28 -29.80
C PHE A 987 -8.29 -15.74 -28.81
N ALA A 988 -8.26 -15.22 -27.59
CA ALA A 988 -9.28 -15.59 -26.61
C ALA A 988 -10.67 -15.20 -27.09
N GLN A 989 -10.80 -14.04 -27.72
CA GLN A 989 -12.09 -13.64 -28.26
C GLN A 989 -12.52 -14.57 -29.39
N CYS A 990 -11.58 -14.96 -30.26
CA CYS A 990 -11.96 -15.66 -31.47
C CYS A 990 -12.13 -17.16 -31.28
N ILE A 991 -11.64 -17.71 -30.16
CA ILE A 991 -11.69 -19.16 -30.00
C ILE A 991 -13.13 -19.66 -29.98
N MET A 992 -14.03 -18.94 -29.32
CA MET A 992 -15.41 -19.41 -29.20
C MET A 992 -16.05 -19.62 -30.56
N PHE A 993 -15.83 -18.68 -31.48
CA PHE A 993 -16.46 -18.80 -32.80
C PHE A 993 -15.96 -20.03 -33.54
N ILE A 994 -14.67 -20.35 -33.42
CA ILE A 994 -14.17 -21.58 -34.04
C ILE A 994 -14.85 -22.80 -33.44
N ALA A 995 -15.03 -22.79 -32.11
CA ALA A 995 -15.70 -23.91 -31.46
C ALA A 995 -17.12 -24.07 -31.97
N ASN A 996 -17.85 -22.96 -32.10
CA ASN A 996 -19.21 -23.05 -32.64
C ASN A 996 -19.19 -23.59 -34.06
N SER A 997 -18.26 -23.09 -34.88
CA SER A 997 -18.20 -23.55 -36.26
C SER A 997 -18.00 -25.05 -36.33
N ALA A 998 -16.98 -25.56 -35.63
CA ALA A 998 -16.69 -26.99 -35.70
C ALA A 998 -17.84 -27.81 -35.12
N SER A 999 -18.36 -27.40 -33.95
CA SER A 999 -19.40 -28.18 -33.30
C SER A 999 -20.64 -28.26 -34.16
N TYR A 1000 -21.06 -27.15 -34.76
CA TYR A 1000 -22.27 -27.19 -35.57
C TYR A 1000 -22.03 -27.88 -36.91
N ARG A 1001 -20.81 -27.78 -37.45
CA ARG A 1001 -20.50 -28.54 -38.66
C ARG A 1001 -20.62 -30.03 -38.41
N TYR A 1002 -20.16 -30.51 -37.26
CA TYR A 1002 -20.31 -31.92 -36.95
C TYR A 1002 -21.76 -32.27 -36.58
N GLY A 1003 -22.46 -31.37 -35.91
CA GLY A 1003 -23.85 -31.62 -35.57
C GLY A 1003 -24.71 -31.76 -36.80
N GLY A 1004 -24.41 -31.00 -37.85
CA GLY A 1004 -25.13 -31.18 -39.09
C GLY A 1004 -24.98 -32.59 -39.64
N TYR A 1005 -23.75 -33.11 -39.66
CA TYR A 1005 -23.52 -34.47 -40.12
C TYR A 1005 -24.27 -35.47 -39.26
N LEU A 1006 -24.21 -35.30 -37.93
CA LEU A 1006 -24.91 -36.22 -37.05
C LEU A 1006 -26.40 -36.21 -37.30
N ILE A 1007 -27.00 -35.02 -37.42
CA ILE A 1007 -28.44 -34.93 -37.67
C ILE A 1007 -28.78 -35.60 -39.00
N SER A 1008 -27.96 -35.35 -40.03
CA SER A 1008 -28.25 -35.90 -41.34
C SER A 1008 -28.19 -37.42 -41.34
N ASN A 1009 -27.14 -37.99 -40.74
CA ASN A 1009 -26.86 -39.41 -40.88
C ASN A 1009 -27.32 -40.24 -39.68
N GLU A 1010 -26.82 -39.93 -38.49
CA GLU A 1010 -27.13 -40.75 -37.32
C GLU A 1010 -28.57 -40.57 -36.85
N GLY A 1011 -29.10 -39.36 -36.93
CA GLY A 1011 -30.50 -39.13 -36.62
C GLY A 1011 -30.73 -38.49 -35.26
N LEU A 1012 -29.80 -37.68 -34.80
CA LEU A 1012 -30.00 -36.95 -33.55
C LEU A 1012 -31.16 -35.99 -33.70
N HIS A 1013 -31.94 -35.86 -32.63
CA HIS A 1013 -32.90 -34.78 -32.54
C HIS A 1013 -32.14 -33.47 -32.39
N PHE A 1014 -32.51 -32.47 -33.20
CA PHE A 1014 -31.68 -31.27 -33.29
C PHE A 1014 -31.51 -30.60 -31.94
N SER A 1015 -32.46 -30.79 -31.02
CA SER A 1015 -32.36 -30.15 -29.71
C SER A 1015 -31.11 -30.61 -28.97
N TYR A 1016 -30.73 -31.88 -29.14
CA TYR A 1016 -29.59 -32.40 -28.41
C TYR A 1016 -28.29 -31.69 -28.77
N VAL A 1017 -28.17 -31.22 -30.02
CA VAL A 1017 -26.96 -30.50 -30.41
C VAL A 1017 -26.81 -29.22 -29.58
N PHE A 1018 -27.88 -28.43 -29.51
CA PHE A 1018 -27.84 -27.23 -28.68
C PHE A 1018 -27.58 -27.60 -27.23
N ARG A 1019 -28.25 -28.64 -26.73
CA ARG A 1019 -28.05 -29.06 -25.35
C ARG A 1019 -26.59 -29.31 -25.07
N VAL A 1020 -25.95 -30.16 -25.88
CA VAL A 1020 -24.57 -30.56 -25.63
C VAL A 1020 -23.65 -29.35 -25.73
N ILE A 1021 -23.77 -28.58 -26.81
CA ILE A 1021 -22.82 -27.49 -27.02
C ILE A 1021 -22.94 -26.46 -25.90
N SER A 1022 -24.17 -26.05 -25.59
CA SER A 1022 -24.35 -25.05 -24.56
C SER A 1022 -23.85 -25.54 -23.21
N ALA A 1023 -24.17 -26.79 -22.85
CA ALA A 1023 -23.73 -27.29 -21.55
C ALA A 1023 -22.21 -27.30 -21.46
N VAL A 1024 -21.54 -27.83 -22.49
CA VAL A 1024 -20.08 -27.91 -22.43
C VAL A 1024 -19.47 -26.51 -22.36
N VAL A 1025 -19.97 -25.58 -23.17
CA VAL A 1025 -19.38 -24.25 -23.20
C VAL A 1025 -19.56 -23.55 -21.85
N LEU A 1026 -20.76 -23.64 -21.28
CA LEU A 1026 -21.01 -22.98 -20.01
C LEU A 1026 -20.16 -23.59 -18.90
N SER A 1027 -20.03 -24.92 -18.87
CA SER A 1027 -19.16 -25.53 -17.87
C SER A 1027 -17.71 -25.09 -18.06
N ALA A 1028 -17.25 -24.98 -19.31
CA ALA A 1028 -15.89 -24.53 -19.55
C ALA A 1028 -15.69 -23.12 -19.00
N THR A 1029 -16.64 -22.23 -19.26
CA THR A 1029 -16.51 -20.87 -18.77
C THR A 1029 -16.51 -20.83 -17.25
N ALA A 1030 -17.37 -21.61 -16.61
CA ALA A 1030 -17.39 -21.64 -15.15
C ALA A 1030 -16.06 -22.13 -14.59
N LEU A 1031 -15.54 -23.22 -15.16
CA LEU A 1031 -14.26 -23.74 -14.69
C LEU A 1031 -13.16 -22.72 -14.88
N GLY A 1032 -13.16 -22.01 -16.01
CA GLY A 1032 -12.19 -20.96 -16.22
C GLY A 1032 -12.29 -19.87 -15.16
N ARG A 1033 -13.51 -19.47 -14.82
CA ARG A 1033 -13.68 -18.49 -13.76
C ARG A 1033 -13.23 -19.03 -12.41
N ALA A 1034 -13.17 -20.36 -12.27
CA ALA A 1034 -12.74 -20.94 -11.00
C ALA A 1034 -11.29 -20.56 -10.69
N PHE A 1035 -10.43 -20.53 -11.71
CA PHE A 1035 -9.00 -20.31 -11.51
C PHE A 1035 -8.64 -18.85 -11.25
N SER A 1036 -9.63 -17.95 -11.12
CA SER A 1036 -9.35 -16.54 -10.92
C SER A 1036 -9.14 -16.18 -9.45
N TYR A 1037 -8.77 -17.15 -8.61
CA TYR A 1037 -8.59 -16.89 -7.18
C TYR A 1037 -7.27 -16.19 -6.88
N THR A 1038 -6.50 -15.79 -7.90
CA THR A 1038 -5.13 -15.30 -7.71
C THR A 1038 -4.99 -14.19 -6.68
N PRO A 1039 -5.77 -13.09 -6.74
CA PRO A 1039 -5.43 -11.94 -5.89
C PRO A 1039 -5.50 -12.20 -4.39
N SER A 1040 -6.40 -13.05 -3.92
CA SER A 1040 -6.73 -13.13 -2.51
C SER A 1040 -6.20 -14.40 -1.83
N TYR A 1041 -6.22 -15.53 -2.55
CA TYR A 1041 -5.90 -16.81 -1.93
C TYR A 1041 -4.45 -16.85 -1.41
N ALA A 1042 -3.51 -16.37 -2.23
CA ALA A 1042 -2.11 -16.42 -1.83
C ALA A 1042 -1.87 -15.56 -0.58
N LYS A 1043 -2.40 -14.33 -0.57
CA LYS A 1043 -2.21 -13.48 0.59
C LYS A 1043 -2.94 -14.02 1.82
N ALA A 1044 -4.08 -14.68 1.64
CA ALA A 1044 -4.73 -15.33 2.76
C ALA A 1044 -3.82 -16.40 3.37
N LYS A 1045 -3.20 -17.21 2.51
CA LYS A 1045 -2.26 -18.21 3.02
C LYS A 1045 -1.07 -17.55 3.71
N ILE A 1046 -0.58 -16.43 3.17
CA ILE A 1046 0.54 -15.73 3.78
C ILE A 1046 0.16 -15.26 5.18
N SER A 1047 -1.02 -14.68 5.33
CA SER A 1047 -1.48 -14.23 6.64
C SER A 1047 -1.62 -15.40 7.60
N ALA A 1048 -2.14 -16.52 7.10
CA ALA A 1048 -2.25 -17.71 7.94
C ALA A 1048 -0.89 -18.15 8.43
N ALA A 1049 0.11 -18.14 7.55
CA ALA A 1049 1.46 -18.51 7.96
C ALA A 1049 2.00 -17.55 9.01
N ARG A 1050 1.78 -16.25 8.82
CA ARG A 1050 2.25 -15.28 9.80
C ARG A 1050 1.61 -15.51 11.16
N PHE A 1051 0.34 -15.89 11.20
CA PHE A 1051 -0.30 -16.14 12.48
C PHE A 1051 0.19 -17.46 13.08
N PHE A 1052 0.36 -18.50 12.27
CA PHE A 1052 0.76 -19.79 12.80
C PHE A 1052 2.17 -19.74 13.37
N GLN A 1053 3.10 -19.05 12.70
CA GLN A 1053 4.44 -18.93 13.28
C GLN A 1053 4.39 -18.27 14.64
N LEU A 1054 3.44 -17.35 14.84
CA LEU A 1054 3.28 -16.69 16.12
C LEU A 1054 2.72 -17.66 17.17
N LEU A 1055 1.66 -18.39 16.81
CA LEU A 1055 0.97 -19.20 17.81
C LEU A 1055 1.87 -20.29 18.38
N ASP A 1056 2.74 -20.87 17.57
CA ASP A 1056 3.58 -21.97 18.03
C ASP A 1056 4.90 -21.50 18.60
N ARG A 1057 5.18 -20.20 18.58
CA ARG A 1057 6.46 -19.70 19.06
C ARG A 1057 6.61 -19.96 20.56
N GLN A 1058 7.84 -20.28 20.97
CA GLN A 1058 8.17 -20.48 22.38
C GLN A 1058 9.23 -19.47 22.80
N PRO A 1059 8.84 -18.38 23.48
CA PRO A 1059 9.82 -17.34 23.80
C PRO A 1059 10.80 -17.81 24.86
N PRO A 1060 12.01 -17.25 24.89
CA PRO A 1060 12.95 -17.62 25.97
C PRO A 1060 12.41 -17.37 27.36
N ILE A 1061 11.69 -16.26 27.54
CA ILE A 1061 11.11 -15.90 28.83
C ILE A 1061 9.60 -15.85 28.70
N SER A 1062 8.93 -16.96 28.99
CA SER A 1062 7.50 -17.03 28.81
C SER A 1062 6.79 -16.66 30.10
N VAL A 1063 5.95 -15.61 30.04
CA VAL A 1063 5.16 -15.24 31.20
C VAL A 1063 4.21 -16.37 31.58
N TYR A 1064 3.80 -17.18 30.61
CA TYR A 1064 2.93 -18.31 30.84
C TYR A 1064 3.68 -19.57 31.24
N ASN A 1065 4.99 -19.49 31.42
CA ASN A 1065 5.79 -20.66 31.72
C ASN A 1065 5.31 -21.32 33.01
N THR A 1066 5.82 -22.53 33.25
CA THR A 1066 5.45 -23.26 34.45
C THR A 1066 6.04 -22.59 35.69
N ALA A 1067 5.73 -23.17 36.85
CA ALA A 1067 6.31 -22.71 38.10
C ALA A 1067 7.79 -23.04 38.15
N GLY A 1068 8.56 -22.26 38.92
CA GLY A 1068 9.97 -22.54 39.07
C GLY A 1068 10.66 -21.73 40.15
N GLU A 1069 11.38 -22.42 41.04
CA GLU A 1069 12.22 -21.78 42.04
C GLU A 1069 11.46 -20.71 42.82
N LYS A 1070 10.23 -21.03 43.25
CA LYS A 1070 9.48 -20.11 44.07
C LYS A 1070 9.80 -20.32 45.55
N TRP A 1071 9.65 -19.25 46.32
CA TRP A 1071 9.78 -19.32 47.77
C TRP A 1071 8.90 -18.26 48.40
N ASP A 1072 8.38 -18.57 49.58
CA ASP A 1072 7.44 -17.69 50.27
C ASP A 1072 8.13 -16.56 51.03
N ASN A 1073 9.31 -16.80 51.57
CA ASN A 1073 10.02 -15.81 52.38
C ASN A 1073 10.87 -14.90 51.48
N PHE A 1074 10.19 -13.99 50.81
CA PHE A 1074 10.87 -13.03 49.95
C PHE A 1074 11.50 -11.92 50.80
N GLN A 1075 12.83 -11.78 50.70
CA GLN A 1075 13.56 -10.80 51.48
C GLN A 1075 14.00 -9.59 50.66
N GLY A 1076 14.07 -9.71 49.34
CA GLY A 1076 14.46 -8.59 48.51
C GLY A 1076 15.96 -8.40 48.40
N LYS A 1077 16.75 -9.37 48.84
CA LYS A 1077 18.20 -9.27 48.70
C LYS A 1077 18.60 -9.39 47.25
N ILE A 1078 19.58 -8.58 46.85
CA ILE A 1078 20.00 -8.48 45.45
C ILE A 1078 21.50 -8.71 45.37
N ASP A 1079 21.97 -9.17 44.21
CA ASP A 1079 23.39 -9.33 43.98
C ASP A 1079 23.63 -9.53 42.49
N PHE A 1080 24.51 -8.73 41.92
CA PHE A 1080 24.86 -8.82 40.50
C PHE A 1080 26.24 -9.47 40.39
N VAL A 1081 26.34 -10.51 39.55
CA VAL A 1081 27.61 -11.20 39.35
C VAL A 1081 28.17 -10.84 37.98
N ASP A 1082 29.00 -9.80 37.94
CA ASP A 1082 29.74 -9.40 36.73
C ASP A 1082 28.93 -9.65 35.46
N CYS A 1083 27.70 -9.14 35.41
CA CYS A 1083 26.81 -9.42 34.30
C CYS A 1083 27.35 -8.85 33.00
N LYS A 1084 27.12 -9.56 31.90
CA LYS A 1084 27.38 -9.08 30.56
C LYS A 1084 26.06 -9.07 29.80
N PHE A 1085 25.78 -7.97 29.11
CA PHE A 1085 24.51 -7.87 28.38
C PHE A 1085 24.66 -6.94 27.18
N THR A 1086 24.08 -7.35 26.05
CA THR A 1086 23.96 -6.52 24.86
C THR A 1086 22.54 -6.64 24.32
N TYR A 1087 21.99 -5.51 23.89
CA TYR A 1087 20.61 -5.50 23.47
C TYR A 1087 20.44 -6.17 22.11
N PRO A 1088 19.42 -7.01 21.93
CA PRO A 1088 19.05 -7.46 20.59
C PRO A 1088 18.11 -6.46 19.93
N SER A 1089 18.23 -6.37 18.60
CA SER A 1089 17.50 -5.40 17.79
C SER A 1089 18.09 -4.00 17.96
N ARG A 1090 19.03 -3.86 18.89
CA ARG A 1090 19.84 -2.66 18.99
C ARG A 1090 21.29 -3.02 18.71
N PRO A 1091 22.11 -2.05 18.31
CA PRO A 1091 23.51 -2.36 18.03
C PRO A 1091 24.20 -2.97 19.24
N ASP A 1092 25.09 -3.93 18.96
CA ASP A 1092 25.80 -4.64 20.02
C ASP A 1092 26.57 -3.71 20.94
N SER A 1093 26.67 -2.42 20.61
CA SER A 1093 27.20 -1.43 21.53
C SER A 1093 26.14 -1.12 22.58
N GLN A 1094 26.36 -0.09 23.40
CA GLN A 1094 25.48 0.19 24.53
C GLN A 1094 25.53 -0.95 25.54
N VAL A 1095 26.68 -1.59 25.62
CA VAL A 1095 26.83 -2.85 26.35
C VAL A 1095 26.86 -2.59 27.85
N LEU A 1096 26.41 -3.59 28.61
CA LEU A 1096 26.62 -3.65 30.04
C LEU A 1096 27.67 -4.71 30.31
N ASN A 1097 28.77 -4.32 30.96
CA ASN A 1097 29.93 -5.19 31.08
C ASN A 1097 30.50 -5.09 32.49
N GLY A 1098 30.64 -6.24 33.15
CA GLY A 1098 31.31 -6.31 34.43
C GLY A 1098 30.54 -5.76 35.61
N LEU A 1099 29.25 -5.51 35.47
CA LEU A 1099 28.47 -4.96 36.57
C LEU A 1099 28.45 -5.97 37.72
N SER A 1100 28.86 -5.53 38.90
CA SER A 1100 28.90 -6.38 40.09
C SER A 1100 28.65 -5.52 41.32
N VAL A 1101 27.42 -5.56 41.82
CA VAL A 1101 27.03 -4.81 43.00
C VAL A 1101 26.00 -5.63 43.77
N SER A 1102 25.97 -5.45 45.08
CA SER A 1102 25.03 -6.16 45.94
C SER A 1102 24.34 -5.18 46.87
N ILE A 1103 23.07 -5.47 47.18
CA ILE A 1103 22.26 -4.63 48.06
C ILE A 1103 21.62 -5.53 49.11
N SER A 1104 21.78 -5.15 50.38
CA SER A 1104 21.12 -5.86 51.44
C SER A 1104 19.67 -5.39 51.57
N PRO A 1105 18.79 -6.21 52.15
CA PRO A 1105 17.38 -5.81 52.28
C PRO A 1105 17.22 -4.45 52.94
N GLY A 1106 16.45 -3.57 52.32
CA GLY A 1106 16.16 -2.27 52.88
C GLY A 1106 17.12 -1.16 52.49
N GLN A 1107 18.31 -1.51 52.01
CA GLN A 1107 19.27 -0.50 51.60
C GLN A 1107 18.96 -0.01 50.19
N THR A 1108 19.20 1.27 49.96
CA THR A 1108 18.91 1.90 48.68
C THR A 1108 20.20 2.13 47.92
N LEU A 1109 20.22 1.70 46.66
CA LEU A 1109 21.37 1.87 45.78
C LEU A 1109 21.02 2.90 44.72
N ALA A 1110 21.97 3.79 44.44
CA ALA A 1110 21.77 4.84 43.45
C ALA A 1110 22.82 4.74 42.35
N PHE A 1111 22.38 4.89 41.11
CA PHE A 1111 23.26 4.89 39.95
C PHE A 1111 23.29 6.27 39.34
N VAL A 1112 24.50 6.75 39.01
CA VAL A 1112 24.69 8.07 38.45
C VAL A 1112 25.90 8.04 37.53
N GLY A 1113 26.01 9.04 36.66
CA GLY A 1113 27.17 9.17 35.81
C GLY A 1113 26.84 9.37 34.34
N SER A 1114 27.45 8.54 33.49
CA SER A 1114 27.28 8.68 32.05
C SER A 1114 25.82 8.52 31.66
N SER A 1115 25.49 9.04 30.47
CA SER A 1115 24.14 8.93 29.93
C SER A 1115 23.99 7.64 29.11
N GLY A 1116 24.88 6.69 29.33
CA GLY A 1116 24.84 5.44 28.59
C GLY A 1116 25.86 4.47 29.11
N CYS A 1117 25.92 3.32 28.43
CA CYS A 1117 26.86 2.26 28.77
C CYS A 1117 26.70 1.82 30.22
N GLY A 1118 25.45 1.67 30.65
CA GLY A 1118 25.17 1.21 32.01
C GLY A 1118 23.93 1.86 32.57
N LYS A 1119 23.92 2.00 33.90
CA LYS A 1119 22.86 2.71 34.59
C LYS A 1119 21.48 2.08 34.34
N SER A 1120 20.76 2.58 33.34
CA SER A 1120 19.35 2.22 33.19
C SER A 1120 19.16 0.72 32.97
N THR A 1121 20.04 0.11 32.15
CA THR A 1121 19.82 -1.28 31.75
C THR A 1121 19.77 -2.21 32.95
N SER A 1122 20.36 -1.81 34.09
CA SER A 1122 20.27 -2.62 35.29
C SER A 1122 18.84 -2.75 35.77
N ILE A 1123 18.00 -1.73 35.55
CA ILE A 1123 16.59 -1.84 35.90
C ILE A 1123 15.94 -2.97 35.11
N GLN A 1124 16.16 -2.97 33.80
CA GLN A 1124 15.53 -3.96 32.92
C GLN A 1124 16.08 -5.36 33.12
N LEU A 1125 17.35 -5.52 33.51
CA LEU A 1125 17.85 -6.83 33.89
C LEU A 1125 17.28 -7.33 35.20
N LEU A 1126 17.14 -6.46 36.21
CA LEU A 1126 16.59 -6.92 37.49
C LEU A 1126 15.18 -7.44 37.31
N GLU A 1127 14.35 -6.71 36.58
CA GLU A 1127 13.11 -7.27 36.07
C GLU A 1127 13.45 -8.23 34.94
N ARG A 1128 12.52 -9.12 34.62
CA ARG A 1128 12.86 -10.20 33.70
C ARG A 1128 12.61 -9.79 32.25
N PHE A 1129 12.68 -8.49 31.96
CA PHE A 1129 12.57 -8.06 30.57
C PHE A 1129 13.64 -8.68 29.70
N TYR A 1130 14.88 -8.71 30.18
CA TYR A 1130 15.95 -9.45 29.53
C TYR A 1130 16.76 -10.18 30.59
N ASP A 1131 17.50 -11.18 30.14
CA ASP A 1131 18.43 -11.88 30.98
C ASP A 1131 19.86 -11.59 30.55
N PRO A 1132 20.82 -11.60 31.47
CA PRO A 1132 22.19 -11.26 31.11
C PRO A 1132 22.77 -12.24 30.10
N ASP A 1133 23.56 -11.72 29.16
CA ASP A 1133 24.25 -12.59 28.22
C ASP A 1133 25.20 -13.53 28.95
N GLN A 1134 25.94 -13.00 29.92
CA GLN A 1134 26.77 -13.83 30.79
C GLN A 1134 26.75 -13.22 32.18
N GLY A 1135 27.06 -14.05 33.17
CA GLY A 1135 26.85 -13.67 34.55
C GLY A 1135 25.42 -13.96 34.98
N LYS A 1136 25.13 -13.65 36.23
CA LYS A 1136 23.82 -13.95 36.80
C LYS A 1136 23.46 -12.90 37.84
N VAL A 1137 22.16 -12.78 38.08
CA VAL A 1137 21.61 -11.86 39.08
C VAL A 1137 20.94 -12.70 40.14
N MET A 1138 21.38 -12.52 41.39
CA MET A 1138 20.91 -13.35 42.50
C MET A 1138 19.85 -12.61 43.29
N ILE A 1139 18.62 -13.14 43.28
CA ILE A 1139 17.50 -12.60 44.04
C ILE A 1139 17.28 -13.50 45.24
N ASP A 1140 17.56 -12.98 46.44
CA ASP A 1140 17.46 -13.77 47.66
C ASP A 1140 18.23 -15.07 47.54
N GLY A 1141 19.37 -15.03 46.86
CA GLY A 1141 20.18 -16.21 46.68
C GLY A 1141 19.69 -17.16 45.61
N HIS A 1142 18.64 -16.82 44.88
CA HIS A 1142 18.11 -17.64 43.81
C HIS A 1142 18.44 -17.02 42.46
N ASP A 1143 19.04 -17.81 41.57
CA ASP A 1143 19.42 -17.31 40.26
C ASP A 1143 18.19 -16.79 39.55
N SER A 1144 18.34 -15.65 38.86
CA SER A 1144 17.18 -15.02 38.21
C SER A 1144 16.57 -15.94 37.17
N LYS A 1145 17.40 -16.61 36.38
CA LYS A 1145 16.89 -17.47 35.32
C LYS A 1145 16.14 -18.68 35.86
N LYS A 1146 16.25 -18.97 37.15
CA LYS A 1146 15.53 -20.09 37.75
C LYS A 1146 14.21 -19.67 38.38
N VAL A 1147 14.08 -18.40 38.77
CA VAL A 1147 12.87 -17.94 39.43
C VAL A 1147 11.73 -17.85 38.42
N ASN A 1148 10.54 -18.29 38.83
CA ASN A 1148 9.36 -18.11 38.00
C ASN A 1148 9.19 -16.64 37.69
N VAL A 1149 8.98 -16.32 36.42
CA VAL A 1149 8.92 -14.92 36.00
C VAL A 1149 7.79 -14.20 36.71
N GLN A 1150 6.60 -14.81 36.72
CA GLN A 1150 5.44 -14.13 37.32
C GLN A 1150 5.63 -13.93 38.81
N PHE A 1151 6.12 -14.94 39.51
CA PHE A 1151 6.28 -14.82 40.96
C PHE A 1151 7.27 -13.72 41.30
N LEU A 1152 8.41 -13.68 40.60
CA LEU A 1152 9.39 -12.63 40.82
C LEU A 1152 8.79 -11.26 40.53
N ARG A 1153 8.11 -11.14 39.40
CA ARG A 1153 7.55 -9.86 38.99
C ARG A 1153 6.39 -9.41 39.87
N SER A 1154 5.81 -10.32 40.64
CA SER A 1154 4.73 -9.95 41.55
C SER A 1154 5.22 -9.21 42.78
N ASN A 1155 6.52 -9.25 43.07
CA ASN A 1155 7.06 -8.59 44.26
C ASN A 1155 7.77 -7.28 43.95
N ILE A 1156 8.01 -6.97 42.69
CA ILE A 1156 8.72 -5.76 42.32
C ILE A 1156 7.73 -4.67 41.93
N GLY A 1157 8.10 -3.42 42.24
CA GLY A 1157 7.32 -2.27 41.84
C GLY A 1157 8.18 -1.25 41.13
N ILE A 1158 7.75 -0.80 39.95
CA ILE A 1158 8.58 0.02 39.09
C ILE A 1158 7.93 1.39 38.89
N VAL A 1159 8.76 2.40 38.72
CA VAL A 1159 8.33 3.73 38.33
C VAL A 1159 9.19 4.15 37.14
N SER A 1160 8.56 4.64 36.09
CA SER A 1160 9.23 5.00 34.85
C SER A 1160 9.25 6.50 34.69
N GLN A 1161 10.27 6.99 33.95
CA GLN A 1161 10.37 8.43 33.71
C GLN A 1161 9.11 8.95 33.03
N GLU A 1162 8.47 8.14 32.19
CA GLU A 1162 7.22 8.50 31.54
C GLU A 1162 6.09 7.76 32.22
N PRO A 1163 5.20 8.42 32.96
CA PRO A 1163 4.13 7.69 33.68
C PRO A 1163 2.94 7.34 32.78
N VAL A 1164 3.09 6.25 32.04
CA VAL A 1164 2.01 5.80 31.17
C VAL A 1164 0.85 5.29 32.01
N LEU A 1165 -0.37 5.68 31.63
CA LEU A 1165 -1.57 5.31 32.35
C LEU A 1165 -2.60 4.75 31.37
N PHE A 1166 -3.65 4.17 31.94
CA PHE A 1166 -4.74 3.60 31.16
C PHE A 1166 -5.98 4.48 31.25
N ALA A 1167 -6.80 4.43 30.21
CA ALA A 1167 -7.94 5.33 30.05
C ALA A 1167 -9.01 5.13 31.12
N CYS A 1168 -8.87 4.22 32.08
CA CYS A 1168 -9.88 4.04 33.11
C CYS A 1168 -9.79 5.15 34.14
N SER A 1169 -10.54 5.04 35.23
CA SER A 1169 -10.57 6.07 36.25
C SER A 1169 -9.31 6.02 37.11
N ILE A 1170 -9.13 7.07 37.92
CA ILE A 1170 -7.96 7.15 38.79
C ILE A 1170 -7.91 5.94 39.72
N MET A 1171 -9.05 5.59 40.31
CA MET A 1171 -9.08 4.47 41.25
C MET A 1171 -8.70 3.18 40.53
N ASP A 1172 -9.15 3.02 39.28
CA ASP A 1172 -8.77 1.83 38.52
C ASP A 1172 -7.27 1.80 38.28
N ASN A 1173 -6.67 2.93 37.93
CA ASN A 1173 -5.23 2.96 37.72
C ASN A 1173 -4.49 2.59 39.01
N ILE A 1174 -4.90 3.17 40.14
CA ILE A 1174 -4.29 2.80 41.41
C ILE A 1174 -4.53 1.34 41.71
N LYS A 1175 -5.76 0.87 41.50
CA LYS A 1175 -6.06 -0.53 41.72
C LYS A 1175 -5.36 -1.44 40.71
N TYR A 1176 -4.82 -0.87 39.64
CA TYR A 1176 -4.10 -1.69 38.66
C TYR A 1176 -2.85 -2.32 39.27
N GLY A 1177 -2.37 -1.79 40.39
CA GLY A 1177 -1.14 -2.28 40.98
C GLY A 1177 -1.16 -3.75 41.33
N ASP A 1178 -2.31 -4.26 41.79
CA ASP A 1178 -2.45 -5.65 42.19
C ASP A 1178 -3.72 -6.23 41.59
N ASN A 1179 -3.91 -6.01 40.28
CA ASN A 1179 -5.10 -6.46 39.59
C ASN A 1179 -5.43 -7.93 39.85
N THR A 1180 -4.43 -8.74 40.21
CA THR A 1180 -4.67 -10.16 40.43
C THR A 1180 -5.59 -10.42 41.62
N LYS A 1181 -5.75 -9.45 42.52
CA LYS A 1181 -6.55 -9.64 43.71
C LYS A 1181 -7.35 -8.37 44.01
N GLU A 1182 -8.45 -8.55 44.74
CA GLU A 1182 -9.26 -7.43 45.17
C GLU A 1182 -8.60 -6.69 46.32
N ILE A 1183 -8.90 -5.39 46.43
CA ILE A 1183 -8.37 -4.58 47.53
C ILE A 1183 -9.45 -3.62 47.99
N PRO A 1184 -9.44 -3.27 49.27
CA PRO A 1184 -10.38 -2.28 49.78
C PRO A 1184 -9.92 -0.86 49.46
N MET A 1185 -10.88 0.07 49.53
CA MET A 1185 -10.58 1.46 49.20
C MET A 1185 -9.59 2.06 50.19
N GLU A 1186 -9.52 1.52 51.41
CA GLU A 1186 -8.61 2.09 52.41
C GLU A 1186 -7.16 1.97 51.95
N ARG A 1187 -6.81 0.86 51.29
CA ARG A 1187 -5.47 0.72 50.75
C ARG A 1187 -5.20 1.80 49.70
N VAL A 1188 -6.19 2.09 48.86
CA VAL A 1188 -6.04 3.15 47.87
C VAL A 1188 -5.83 4.50 48.55
N ILE A 1189 -6.59 4.75 49.61
CA ILE A 1189 -6.44 6.01 50.35
C ILE A 1189 -5.03 6.12 50.91
N ALA A 1190 -4.53 5.04 51.51
CA ALA A 1190 -3.18 5.06 52.07
C ALA A 1190 -2.15 5.30 50.97
N ALA A 1191 -2.31 4.63 49.83
CA ALA A 1191 -1.36 4.80 48.74
C ALA A 1191 -1.35 6.24 48.23
N ALA A 1192 -2.54 6.80 48.01
CA ALA A 1192 -2.62 8.18 47.54
C ALA A 1192 -2.03 9.15 48.55
N LYS A 1193 -2.30 8.94 49.84
CA LYS A 1193 -1.72 9.80 50.87
C LYS A 1193 -0.20 9.71 50.83
N GLN A 1194 0.34 8.51 50.73
CA GLN A 1194 1.79 8.33 50.70
C GLN A 1194 2.39 8.94 49.44
N ALA A 1195 1.61 9.03 48.37
CA ALA A 1195 2.09 9.56 47.09
C ALA A 1195 1.83 11.05 46.93
N GLN A 1196 1.47 11.75 48.00
CA GLN A 1196 1.15 13.18 47.92
C GLN A 1196 0.07 13.43 46.87
N LEU A 1197 -0.94 12.56 46.85
CA LEU A 1197 -2.00 12.61 45.86
C LEU A 1197 -3.40 12.63 46.47
N HIS A 1198 -3.57 12.12 47.69
CA HIS A 1198 -4.90 11.99 48.27
C HIS A 1198 -5.61 13.34 48.30
N ASP A 1199 -4.92 14.39 48.74
CA ASP A 1199 -5.54 15.71 48.76
C ASP A 1199 -5.84 16.20 47.34
N PHE A 1200 -4.90 15.98 46.42
CA PHE A 1200 -5.09 16.48 45.05
C PHE A 1200 -6.30 15.83 44.39
N VAL A 1201 -6.37 14.50 44.43
CA VAL A 1201 -7.48 13.80 43.78
C VAL A 1201 -8.81 14.22 44.40
N MET A 1202 -8.84 14.41 45.72
CA MET A 1202 -10.07 14.84 46.36
C MET A 1202 -10.56 16.18 45.84
N SER A 1203 -9.67 16.99 45.27
CA SER A 1203 -10.05 18.29 44.72
C SER A 1203 -10.61 18.20 43.31
N LEU A 1204 -10.50 17.04 42.65
CA LEU A 1204 -11.04 16.91 41.31
C LEU A 1204 -12.57 16.84 41.35
N PRO A 1205 -13.23 17.19 40.24
CA PRO A 1205 -14.70 17.23 40.27
C PRO A 1205 -15.35 15.92 40.70
N GLU A 1206 -14.81 14.79 40.26
CA GLU A 1206 -15.39 13.47 40.56
C GLU A 1206 -14.54 12.69 41.56
N LYS A 1207 -13.46 13.30 42.06
CA LYS A 1207 -12.61 12.65 43.05
C LYS A 1207 -12.01 11.36 42.48
N TYR A 1208 -11.94 10.30 43.29
CA TYR A 1208 -11.20 9.11 42.90
C TYR A 1208 -11.76 8.46 41.64
N GLU A 1209 -13.04 8.63 41.38
CA GLU A 1209 -13.67 8.01 40.22
C GLU A 1209 -13.44 8.81 38.94
N THR A 1210 -12.70 9.92 39.00
CA THR A 1210 -12.45 10.72 37.82
C THR A 1210 -11.78 9.88 36.74
N ASN A 1211 -12.20 10.10 35.49
CA ASN A 1211 -11.59 9.41 34.36
C ASN A 1211 -10.24 10.02 34.03
N VAL A 1212 -9.41 9.24 33.34
CA VAL A 1212 -8.00 9.56 33.17
C VAL A 1212 -7.62 9.45 31.70
N GLY A 1213 -6.50 10.09 31.35
CA GLY A 1213 -5.89 9.93 30.04
C GLY A 1213 -6.70 10.49 28.89
N SER A 1214 -6.94 9.67 27.87
CA SER A 1214 -7.59 10.12 26.65
C SER A 1214 -9.01 10.62 26.87
N GLN A 1215 -9.54 10.52 28.09
CA GLN A 1215 -10.88 11.03 28.36
C GLN A 1215 -10.98 12.52 28.07
N GLY A 1216 -9.84 13.22 28.06
CA GLY A 1216 -9.83 14.66 27.92
C GLY A 1216 -9.58 15.42 29.20
N SER A 1217 -9.70 14.75 30.36
CA SER A 1217 -9.36 15.38 31.64
C SER A 1217 -7.84 15.42 31.77
N GLN A 1218 -7.19 16.28 30.99
CA GLN A 1218 -5.74 16.28 30.93
C GLN A 1218 -5.14 16.55 32.30
N LEU A 1219 -4.07 15.81 32.61
CA LEU A 1219 -3.32 15.99 33.84
C LEU A 1219 -1.84 16.08 33.51
N SER A 1220 -1.15 17.04 34.13
CA SER A 1220 0.26 17.24 33.84
C SER A 1220 1.09 16.07 34.35
N ARG A 1221 2.28 15.93 33.77
CA ARG A 1221 3.16 14.83 34.14
C ARG A 1221 3.42 14.83 35.64
N GLY A 1222 3.45 16.01 36.25
CA GLY A 1222 3.68 16.09 37.69
C GLY A 1222 2.59 15.43 38.52
N GLU A 1223 1.42 15.18 37.93
CA GLU A 1223 0.35 14.48 38.62
C GLU A 1223 0.30 13.01 38.24
N LYS A 1224 0.47 12.71 36.95
CA LYS A 1224 0.49 11.32 36.51
C LYS A 1224 1.66 10.58 37.16
N GLN A 1225 2.76 11.27 37.44
CA GLN A 1225 3.86 10.64 38.14
C GLN A 1225 3.44 10.19 39.54
N ARG A 1226 2.67 11.03 40.24
CA ARG A 1226 2.20 10.64 41.56
C ARG A 1226 1.18 9.51 41.47
N ILE A 1227 0.36 9.51 40.42
CA ILE A 1227 -0.54 8.38 40.20
C ILE A 1227 0.26 7.09 40.04
N ALA A 1228 1.31 7.15 39.23
CA ALA A 1228 2.14 5.96 39.02
C ALA A 1228 2.82 5.52 40.31
N ILE A 1229 3.27 6.49 41.11
CA ILE A 1229 3.91 6.15 42.39
C ILE A 1229 2.92 5.46 43.31
N ALA A 1230 1.68 5.95 43.37
CA ALA A 1230 0.67 5.28 44.18
C ALA A 1230 0.39 3.89 43.65
N ARG A 1231 0.34 3.73 42.32
CA ARG A 1231 0.11 2.42 41.73
C ARG A 1231 1.22 1.45 42.12
N ALA A 1232 2.46 1.91 42.07
CA ALA A 1232 3.57 1.04 42.46
C ALA A 1232 3.51 0.69 43.94
N ILE A 1233 3.20 1.66 44.79
CA ILE A 1233 3.26 1.44 46.23
C ILE A 1233 2.14 0.51 46.69
N VAL A 1234 0.94 0.67 46.12
CA VAL A 1234 -0.24 0.00 46.67
C VAL A 1234 -0.05 -1.51 46.80
N ARG A 1235 0.79 -2.11 45.95
CA ARG A 1235 1.02 -3.54 46.03
C ARG A 1235 1.98 -3.92 47.13
N ASP A 1236 2.59 -2.95 47.82
CA ASP A 1236 3.55 -3.22 48.87
C ASP A 1236 4.70 -4.05 48.32
N PRO A 1237 5.44 -3.55 47.33
CA PRO A 1237 6.54 -4.32 46.76
C PRO A 1237 7.71 -4.42 47.72
N LYS A 1238 8.42 -5.54 47.65
CA LYS A 1238 9.64 -5.71 48.43
C LYS A 1238 10.83 -5.03 47.77
N ILE A 1239 10.72 -4.67 46.49
CA ILE A 1239 11.78 -4.00 45.75
C ILE A 1239 11.15 -2.86 44.96
N LEU A 1240 11.87 -1.75 44.84
CA LEU A 1240 11.41 -0.60 44.08
C LEU A 1240 12.44 -0.24 43.01
N LEU A 1241 11.96 0.03 41.81
CA LEU A 1241 12.78 0.47 40.69
C LEU A 1241 12.30 1.85 40.27
N LEU A 1242 13.07 2.87 40.60
CA LEU A 1242 12.72 4.25 40.29
C LEU A 1242 13.58 4.73 39.12
N ASP A 1243 13.11 4.44 37.90
CA ASP A 1243 13.90 4.67 36.70
C ASP A 1243 13.72 6.12 36.29
N GLU A 1244 14.64 6.95 36.78
CA GLU A 1244 14.75 8.36 36.36
C GLU A 1244 13.41 9.09 36.52
N ALA A 1245 12.74 8.89 37.64
CA ALA A 1245 11.61 9.73 37.97
C ALA A 1245 12.09 11.14 38.27
N THR A 1246 11.14 12.02 38.58
CA THR A 1246 11.45 13.41 38.91
C THR A 1246 12.08 14.15 37.73
N SER A 1247 11.86 13.66 36.51
CA SER A 1247 12.31 14.34 35.30
C SER A 1247 11.21 15.24 34.73
N ALA A 1248 10.36 15.79 35.59
CA ALA A 1248 9.21 16.55 35.13
C ALA A 1248 9.65 17.83 34.43
N LEU A 1249 8.66 18.59 33.96
CA LEU A 1249 8.92 19.76 33.14
C LEU A 1249 9.43 20.96 33.94
N ASP A 1250 9.20 20.99 35.25
CA ASP A 1250 9.56 22.16 36.04
C ASP A 1250 10.06 21.73 37.41
N THR A 1251 10.78 22.65 38.06
CA THR A 1251 11.31 22.36 39.39
C THR A 1251 10.19 22.20 40.41
N GLU A 1252 9.06 22.87 40.22
CA GLU A 1252 7.95 22.73 41.16
C GLU A 1252 7.43 21.30 41.18
N SER A 1253 7.28 20.69 40.00
CA SER A 1253 6.86 19.29 39.94
C SER A 1253 7.89 18.39 40.60
N GLU A 1254 9.18 18.68 40.40
CA GLU A 1254 10.21 17.89 41.04
C GLU A 1254 10.10 17.97 42.56
N LYS A 1255 9.88 19.18 43.08
CA LYS A 1255 9.71 19.33 44.52
C LYS A 1255 8.48 18.57 45.01
N THR A 1256 7.38 18.65 44.26
CA THR A 1256 6.16 17.98 44.67
C THR A 1256 6.35 16.47 44.71
N VAL A 1257 7.06 15.91 43.73
CA VAL A 1257 7.10 14.46 43.58
C VAL A 1257 8.26 13.83 44.35
N GLN A 1258 9.31 14.61 44.64
CA GLN A 1258 10.47 14.03 45.32
C GLN A 1258 10.12 13.60 46.73
N VAL A 1259 9.28 14.36 47.42
CA VAL A 1259 8.88 13.97 48.77
C VAL A 1259 8.10 12.66 48.74
N ALA A 1260 7.19 12.51 47.77
CA ALA A 1260 6.46 11.26 47.64
C ALA A 1260 7.42 10.11 47.35
N LEU A 1261 8.37 10.32 46.45
CA LEU A 1261 9.33 9.27 46.13
C LEU A 1261 10.13 8.87 47.36
N ASP A 1262 10.60 9.87 48.12
CA ASP A 1262 11.37 9.57 49.33
C ASP A 1262 10.55 8.81 50.34
N LYS A 1263 9.29 9.20 50.54
CA LYS A 1263 8.41 8.46 51.43
C LYS A 1263 8.16 7.04 50.94
N ALA A 1264 8.21 6.83 49.63
CA ALA A 1264 7.96 5.49 49.08
C ALA A 1264 9.04 4.50 49.48
N ARG A 1265 10.27 4.97 49.69
CA ARG A 1265 11.39 4.07 49.91
C ARG A 1265 11.50 3.54 51.34
N GLU A 1266 10.64 4.00 52.25
CA GLU A 1266 10.74 3.59 53.64
C GLU A 1266 10.73 2.07 53.78
N GLY A 1267 11.84 1.51 54.27
CA GLY A 1267 11.91 0.09 54.52
C GLY A 1267 11.85 -0.80 53.30
N ARG A 1268 12.34 -0.33 52.16
CA ARG A 1268 12.31 -1.10 50.92
C ARG A 1268 13.66 -1.05 50.22
N THR A 1269 13.98 -2.11 49.51
CA THR A 1269 15.16 -2.11 48.64
C THR A 1269 14.85 -1.34 47.37
N CYS A 1270 15.58 -0.26 47.13
CA CYS A 1270 15.31 0.64 46.02
C CYS A 1270 16.56 0.81 45.17
N ILE A 1271 16.40 0.64 43.86
CA ILE A 1271 17.43 0.97 42.89
C ILE A 1271 17.00 2.25 42.21
N VAL A 1272 17.51 3.38 42.70
CA VAL A 1272 17.07 4.69 42.27
C VAL A 1272 18.06 5.25 41.26
N ILE A 1273 17.53 5.84 40.19
CA ILE A 1273 18.32 6.51 39.17
C ILE A 1273 17.75 7.90 38.97
N ALA A 1274 18.62 8.90 38.96
CA ALA A 1274 18.18 10.28 38.84
C ALA A 1274 19.15 11.05 37.97
N HIS A 1275 18.60 11.94 37.14
CA HIS A 1275 19.42 12.82 36.33
C HIS A 1275 20.00 13.99 37.12
N ARG A 1276 19.31 14.39 38.19
CA ARG A 1276 19.73 15.57 38.93
C ARG A 1276 20.99 15.28 39.73
N LEU A 1277 21.57 16.34 40.27
CA LEU A 1277 22.87 16.24 40.92
C LEU A 1277 22.76 15.43 42.21
N SER A 1278 23.89 15.35 42.93
CA SER A 1278 24.01 14.51 44.11
C SER A 1278 22.95 14.79 45.16
N THR A 1279 22.25 15.93 45.07
CA THR A 1279 21.25 16.29 46.05
C THR A 1279 20.23 15.17 46.24
N ILE A 1280 19.88 14.49 45.13
CA ILE A 1280 18.87 13.45 45.21
C ILE A 1280 19.42 12.20 45.88
N GLN A 1281 20.64 11.81 45.52
CA GLN A 1281 21.16 10.48 45.87
C GLN A 1281 21.98 10.47 47.15
N ASN A 1282 22.08 11.60 47.85
CA ASN A 1282 22.90 11.64 49.06
C ASN A 1282 22.30 10.82 50.21
N ALA A 1283 21.18 10.14 49.99
CA ALA A 1283 20.54 9.41 51.07
C ALA A 1283 21.26 8.11 51.40
N ASP A 1284 21.78 7.40 50.39
CA ASP A 1284 22.36 6.07 50.63
C ASP A 1284 23.43 5.80 49.59
N ILE A 1285 23.94 4.57 49.59
CA ILE A 1285 25.11 4.17 48.83
C ILE A 1285 24.92 4.46 47.35
N ILE A 1286 26.03 4.61 46.61
CA ILE A 1286 26.00 5.05 45.22
C ILE A 1286 27.02 4.28 44.41
N ALA A 1287 26.75 4.16 43.11
CA ALA A 1287 27.72 3.74 42.11
C ALA A 1287 27.66 4.74 40.96
N VAL A 1288 28.81 5.01 40.35
CA VAL A 1288 28.98 6.19 39.50
C VAL A 1288 29.56 5.88 38.14
N MET A 1289 29.96 4.65 37.85
CA MET A 1289 30.79 4.40 36.69
C MET A 1289 30.02 4.49 35.38
N ALA A 1290 30.77 4.72 34.31
CA ALA A 1290 30.24 4.91 32.96
C ALA A 1290 30.57 3.77 32.02
N GLN A 1291 31.14 2.67 32.53
CA GLN A 1291 31.54 1.55 31.70
C GLN A 1291 30.86 0.26 32.13
N GLY A 1292 29.72 0.36 32.81
CA GLY A 1292 29.05 -0.84 33.32
C GLY A 1292 29.68 -1.42 34.55
N VAL A 1293 30.96 -1.80 34.47
CA VAL A 1293 31.64 -2.31 35.64
C VAL A 1293 31.67 -1.23 36.73
N VAL A 1294 31.74 -1.67 37.97
CA VAL A 1294 31.72 -0.77 39.13
C VAL A 1294 33.06 -0.88 39.85
N ILE A 1295 33.76 0.24 39.99
CA ILE A 1295 34.99 0.33 40.76
C ILE A 1295 34.85 1.29 41.94
N GLU A 1296 34.20 2.43 41.72
CA GLU A 1296 33.97 3.43 42.75
C GLU A 1296 32.59 3.21 43.34
N LYS A 1297 32.53 2.92 44.64
CA LYS A 1297 31.27 2.56 45.27
C LYS A 1297 31.35 2.89 46.76
N GLY A 1298 30.32 3.55 47.27
CA GLY A 1298 30.28 3.89 48.68
C GLY A 1298 29.32 5.04 48.92
N THR A 1299 29.22 5.44 50.19
CA THR A 1299 28.38 6.57 50.53
C THR A 1299 28.96 7.85 49.96
N HIS A 1300 28.07 8.83 49.73
CA HIS A 1300 28.52 10.07 49.12
C HIS A 1300 29.59 10.77 49.96
N GLU A 1301 29.49 10.65 51.29
CA GLU A 1301 30.49 11.29 52.14
C GLU A 1301 31.85 10.65 51.97
N GLU A 1302 31.92 9.33 52.07
CA GLU A 1302 33.19 8.63 51.89
C GLU A 1302 33.62 8.62 50.43
N LEU A 1303 32.69 8.71 49.48
CA LEU A 1303 33.06 8.93 48.09
C LEU A 1303 33.74 10.28 47.93
N MET A 1304 33.23 11.31 48.60
CA MET A 1304 33.90 12.61 48.62
C MET A 1304 35.28 12.50 49.27
N ALA A 1305 35.38 11.74 50.36
CA ALA A 1305 36.65 11.65 51.08
C ALA A 1305 37.75 11.08 50.20
N GLN A 1306 37.44 10.04 49.43
CA GLN A 1306 38.42 9.40 48.57
C GLN A 1306 38.65 10.15 47.26
N LYS A 1307 38.05 11.32 47.10
CA LYS A 1307 38.21 12.13 45.89
C LYS A 1307 37.89 11.30 44.64
N GLY A 1308 36.70 10.71 44.64
CA GLY A 1308 36.27 9.91 43.51
C GLY A 1308 35.74 10.77 42.37
N ALA A 1309 35.32 10.09 41.31
CA ALA A 1309 34.73 10.78 40.16
C ALA A 1309 33.45 11.49 40.55
N TYR A 1310 32.85 11.13 41.69
CA TYR A 1310 31.70 11.83 42.24
C TYR A 1310 31.93 13.32 42.28
N TYR A 1311 33.19 13.75 42.36
CA TYR A 1311 33.50 15.18 42.41
C TYR A 1311 32.94 15.92 41.20
N LYS A 1312 32.85 15.25 40.04
CA LYS A 1312 32.28 15.90 38.87
C LYS A 1312 30.86 16.39 39.13
N LEU A 1313 30.13 15.74 40.02
CA LEU A 1313 28.78 16.18 40.38
C LEU A 1313 28.80 17.48 41.17
N VAL A 1314 29.98 17.91 41.64
CA VAL A 1314 30.11 19.17 42.35
C VAL A 1314 31.20 20.01 41.68
N THR A 1315 31.46 19.72 40.42
CA THR A 1315 32.50 20.42 39.67
C THR A 1315 31.97 20.91 38.34
#